data_3W79
#
_entry.id   3W79
#
_cell.length_a   191.144
_cell.length_b   56.567
_cell.length_c   105.096
_cell.angle_alpha   90.00
_cell.angle_beta   115.72
_cell.angle_gamma   90.00
#
_symmetry.space_group_name_H-M   'C 1 2 1'
#
loop_
_entity.id
_entity.type
_entity.pdbx_description
1 polymer 'FMN-dependent NADH-azoreductase'
2 non-polymer 'FLAVIN MONONUCLEOTIDE'
3 non-polymer '4-[(E)-(4-hydroxynaphthalen-1-yl)diazenyl]benzenesulfonic acid'
4 water water
#
_entity_poly.entity_id   1
_entity_poly.type   'polypeptide(L)'
_entity_poly.pdbx_seq_one_letter_code
;MTKVLFITANPNSAEGSFGMAVGEAFIEAYKNEHPQDEVVTIDLFNTTVPAIDADVFAAWGKFAAGEGFEALTEVQQQKV
AAMNTNLETFMNADRYVFVTPMWNFSYPPVVKAYLDNVAIAGKTFKYTENGPVGLLEGKKALHIQATGGVYSEGAYAAVD
FGRNHLKTVLGFVGVNDTEYIAVEGMNANPEKAQEIKEAAIANARELAKRF
;
_entity_poly.pdbx_strand_id   A,B,C,D
#
# COMPACT_ATOMS: atom_id res chain seq x y z
N THR A 2 18.13 -13.27 4.99
CA THR A 2 18.55 -12.35 3.90
C THR A 2 17.63 -12.40 2.68
N LYS A 3 17.08 -11.25 2.33
CA LYS A 3 16.15 -11.12 1.25
C LYS A 3 16.80 -10.40 0.06
N VAL A 4 16.82 -11.07 -1.09
CA VAL A 4 17.49 -10.60 -2.30
C VAL A 4 16.46 -10.29 -3.40
N LEU A 5 16.60 -9.14 -4.02
CA LEU A 5 15.81 -8.82 -5.20
C LEU A 5 16.66 -9.02 -6.45
N PHE A 6 16.18 -9.89 -7.35
CA PHE A 6 16.83 -10.10 -8.63
C PHE A 6 16.00 -9.28 -9.63
N ILE A 7 16.49 -8.06 -9.93
CA ILE A 7 15.81 -7.11 -10.76
C ILE A 7 16.40 -7.15 -12.18
N THR A 8 15.63 -7.65 -13.13
CA THR A 8 16.08 -7.72 -14.52
C THR A 8 15.37 -6.72 -15.41
N ALA A 9 16.13 -6.16 -16.35
CA ALA A 9 15.59 -5.26 -17.35
C ALA A 9 16.10 -5.71 -18.73
N ASN A 10 15.70 -6.90 -19.12
CA ASN A 10 16.01 -7.35 -20.45
C ASN A 10 14.79 -8.08 -20.97
N PRO A 11 14.32 -7.67 -22.14
CA PRO A 11 13.15 -8.38 -22.73
C PRO A 11 13.41 -9.84 -23.15
N ASN A 12 14.67 -10.23 -23.27
CA ASN A 12 15.03 -11.63 -23.55
C ASN A 12 15.40 -12.39 -22.27
N SER A 13 15.33 -13.72 -22.36
CA SER A 13 15.64 -14.59 -21.26
C SER A 13 17.13 -14.90 -21.30
N ALA A 14 17.58 -15.72 -20.35
CA ALA A 14 18.97 -16.18 -20.31
C ALA A 14 19.43 -16.94 -21.57
N GLU A 15 18.51 -17.46 -22.36
CA GLU A 15 18.92 -18.18 -23.55
C GLU A 15 19.34 -17.23 -24.70
N GLY A 16 18.85 -15.99 -24.68
CA GLY A 16 19.15 -15.03 -25.74
C GLY A 16 19.74 -13.71 -25.29
N SER A 17 20.15 -13.60 -24.03
CA SER A 17 20.77 -12.39 -23.52
C SER A 17 22.03 -12.75 -22.76
N PHE A 18 23.11 -12.04 -23.08
CA PHE A 18 24.39 -12.24 -22.45
C PHE A 18 24.31 -11.84 -20.98
N GLY A 19 23.69 -10.70 -20.69
CA GLY A 19 23.53 -10.23 -19.31
C GLY A 19 22.70 -11.23 -18.50
N MET A 20 21.59 -11.69 -19.06
CA MET A 20 20.71 -12.61 -18.35
C MET A 20 21.38 -13.95 -18.07
N ALA A 21 22.21 -14.42 -19.00
CA ALA A 21 22.97 -15.66 -18.82
C ALA A 21 23.84 -15.54 -17.60
N VAL A 22 24.58 -14.44 -17.53
CA VAL A 22 25.46 -14.19 -16.42
C VAL A 22 24.70 -13.96 -15.10
N GLY A 23 23.62 -13.21 -15.15
CA GLY A 23 22.78 -12.96 -13.98
C GLY A 23 22.15 -14.23 -13.45
N GLU A 24 21.67 -15.07 -14.33
CA GLU A 24 21.12 -16.38 -13.94
C GLU A 24 22.20 -17.21 -13.26
N ALA A 25 23.41 -17.19 -13.83
CA ALA A 25 24.49 -17.97 -13.25
C ALA A 25 24.81 -17.41 -11.89
N PHE A 26 24.82 -16.10 -11.75
CA PHE A 26 25.05 -15.51 -10.45
C PHE A 26 24.00 -15.96 -9.43
N ILE A 27 22.76 -15.75 -9.77
CA ILE A 27 21.68 -15.90 -8.83
C ILE A 27 21.47 -17.36 -8.44
N GLU A 28 21.65 -18.30 -9.38
CA GLU A 28 21.53 -19.70 -9.01
C GLU A 28 22.69 -20.15 -8.13
N ALA A 29 23.92 -19.67 -8.41
CA ALA A 29 25.08 -19.97 -7.59
C ALA A 29 24.85 -19.37 -6.20
N TYR A 30 24.29 -18.17 -6.13
CA TYR A 30 24.00 -17.56 -4.85
C TYR A 30 22.95 -18.35 -4.04
N LYS A 31 21.88 -18.81 -4.67
CA LYS A 31 20.88 -19.60 -3.96
C LYS A 31 21.44 -20.89 -3.45
N ASN A 32 22.25 -21.54 -4.24
CA ASN A 32 22.87 -22.77 -3.86
C ASN A 32 23.80 -22.57 -2.65
N GLU A 33 24.51 -21.44 -2.57
CA GLU A 33 25.40 -21.13 -1.44
C GLU A 33 24.58 -20.77 -0.22
N HIS A 34 23.42 -20.13 -0.42
CA HIS A 34 22.57 -19.72 0.70
C HIS A 34 21.12 -20.18 0.52
N PRO A 35 20.84 -21.48 0.74
CA PRO A 35 19.55 -22.08 0.46
C PRO A 35 18.42 -21.48 1.25
N GLN A 36 18.71 -20.90 2.38
CA GLN A 36 17.67 -20.34 3.24
C GLN A 36 17.33 -18.90 2.87
N ASP A 37 18.13 -18.27 2.00
CA ASP A 37 17.87 -16.88 1.59
C ASP A 37 16.70 -16.81 0.65
N GLU A 38 15.93 -15.72 0.75
CA GLU A 38 14.74 -15.53 -0.05
C GLU A 38 15.14 -14.66 -1.25
N VAL A 39 14.80 -15.10 -2.45
CA VAL A 39 15.17 -14.42 -3.69
C VAL A 39 13.89 -14.24 -4.47
N VAL A 40 13.56 -12.98 -4.69
CA VAL A 40 12.39 -12.61 -5.46
C VAL A 40 12.88 -11.98 -6.78
N THR A 41 12.28 -12.39 -7.88
CA THR A 41 12.60 -11.86 -9.17
C THR A 41 11.61 -10.76 -9.48
N ILE A 42 12.14 -9.61 -9.85
CA ILE A 42 11.34 -8.54 -10.38
C ILE A 42 11.80 -8.28 -11.80
N ASP A 43 11.03 -8.81 -12.75
CA ASP A 43 11.24 -8.55 -14.17
C ASP A 43 10.54 -7.24 -14.52
N LEU A 44 11.35 -6.21 -14.78
CA LEU A 44 10.84 -4.83 -15.00
C LEU A 44 10.02 -4.70 -16.28
N PHE A 45 10.21 -5.63 -17.21
CA PHE A 45 9.37 -5.73 -18.43
C PHE A 45 8.03 -6.40 -18.19
N ASN A 46 7.77 -6.94 -17.01
CA ASN A 46 6.45 -7.51 -16.66
C ASN A 46 6.05 -7.11 -15.24
N THR A 47 6.40 -5.91 -14.83
CA THR A 47 6.04 -5.38 -13.51
C THR A 47 5.48 -3.98 -13.77
N THR A 48 4.45 -3.62 -13.04
CA THR A 48 3.91 -2.29 -13.18
C THR A 48 4.87 -1.36 -12.46
N VAL A 49 5.43 -0.43 -13.21
CA VAL A 49 6.37 0.52 -12.71
C VAL A 49 5.90 1.87 -13.25
N PRO A 50 4.95 2.52 -12.55
CA PRO A 50 4.39 3.78 -13.01
C PRO A 50 5.45 4.86 -13.19
N ALA A 51 5.44 5.49 -14.35
CA ALA A 51 6.22 6.71 -14.57
C ALA A 51 5.66 7.81 -13.68
N ILE A 52 6.50 8.71 -13.18
CA ILE A 52 6.01 9.93 -12.53
C ILE A 52 5.40 10.84 -13.60
N ASP A 53 4.11 11.14 -13.46
CA ASP A 53 3.39 11.94 -14.44
C ASP A 53 2.43 12.89 -13.71
N ALA A 54 1.52 13.53 -14.45
CA ALA A 54 0.56 14.50 -13.88
C ALA A 54 -0.33 13.88 -12.81
N ASP A 55 -0.77 12.64 -13.05
CA ASP A 55 -1.51 11.93 -12.03
C ASP A 55 -0.70 11.75 -10.76
N VAL A 56 0.57 11.38 -10.87
CA VAL A 56 1.37 11.17 -9.68
C VAL A 56 1.59 12.50 -8.91
N PHE A 57 1.96 13.55 -9.63
CA PHE A 57 2.13 14.85 -8.99
C PHE A 57 0.83 15.31 -8.33
N ALA A 58 -0.30 15.14 -9.00
CA ALA A 58 -1.58 15.47 -8.39
C ALA A 58 -1.76 14.67 -7.09
N ALA A 59 -1.50 13.36 -7.15
CA ALA A 59 -1.67 12.50 -5.98
C ALA A 59 -0.79 12.97 -4.82
N TRP A 60 0.48 13.22 -5.10
CA TRP A 60 1.39 13.76 -4.10
C TRP A 60 0.91 15.10 -3.49
N GLY A 61 0.28 15.95 -4.30
CA GLY A 61 -0.21 17.24 -3.85
C GLY A 61 -1.31 17.07 -2.83
N LYS A 62 -2.20 16.12 -3.11
CA LYS A 62 -3.23 15.77 -2.15
C LYS A 62 -2.67 15.21 -0.84
N PHE A 63 -1.63 14.38 -0.90
CA PHE A 63 -1.01 13.83 0.33
C PHE A 63 -0.32 14.94 1.13
N ALA A 64 0.26 15.90 0.42
CA ALA A 64 0.92 17.05 1.03
C ALA A 64 -0.09 18.02 1.64
N ALA A 65 -1.32 18.01 1.12
CA ALA A 65 -2.41 18.80 1.68
C ALA A 65 -3.07 18.08 2.84
N GLY A 66 -2.55 16.92 3.22
CA GLY A 66 -3.11 16.13 4.32
C GLY A 66 -4.26 15.22 3.93
N GLU A 67 -4.66 15.21 2.66
CA GLU A 67 -5.78 14.33 2.21
C GLU A 67 -5.33 12.88 2.22
N GLY A 68 -6.32 11.99 2.15
CA GLY A 68 -6.06 10.56 2.12
C GLY A 68 -6.22 9.94 0.75
N PHE A 69 -5.95 8.64 0.69
CA PHE A 69 -6.01 7.83 -0.53
C PHE A 69 -7.33 7.94 -1.31
N GLU A 70 -8.43 8.16 -0.60
CA GLU A 70 -9.74 8.28 -1.27
C GLU A 70 -9.99 9.61 -1.97
N ALA A 71 -9.10 10.55 -1.76
CA ALA A 71 -9.13 11.80 -2.51
C ALA A 71 -8.62 11.61 -3.92
N LEU A 72 -7.89 10.52 -4.19
CA LEU A 72 -7.36 10.27 -5.52
C LEU A 72 -8.42 9.71 -6.46
N THR A 73 -8.26 9.99 -7.76
CA THR A 73 -9.03 9.30 -8.79
C THR A 73 -8.60 7.83 -8.85
N GLU A 74 -9.38 7.02 -9.55
CA GLU A 74 -9.04 5.61 -9.66
C GLU A 74 -7.65 5.37 -10.29
N VAL A 75 -7.36 6.06 -11.38
CA VAL A 75 -6.08 5.90 -12.04
C VAL A 75 -4.93 6.33 -11.12
N GLN A 76 -5.15 7.39 -10.36
CA GLN A 76 -4.15 7.84 -9.42
C GLN A 76 -3.89 6.81 -8.34
N GLN A 77 -4.97 6.23 -7.82
CA GLN A 77 -4.86 5.16 -6.84
C GLN A 77 -4.07 3.97 -7.37
N GLN A 78 -4.31 3.59 -8.62
CA GLN A 78 -3.62 2.43 -9.22
C GLN A 78 -2.12 2.71 -9.34
N LYS A 79 -1.78 3.91 -9.80
CA LYS A 79 -0.40 4.33 -9.94
C LYS A 79 0.33 4.42 -8.61
N VAL A 80 -0.29 5.07 -7.65
CA VAL A 80 0.36 5.22 -6.36
C VAL A 80 0.44 3.86 -5.62
N ALA A 81 -0.55 2.98 -5.77
CA ALA A 81 -0.47 1.69 -5.13
C ALA A 81 0.67 0.85 -5.67
N ALA A 82 0.83 0.83 -7.00
CA ALA A 82 1.95 0.13 -7.62
C ALA A 82 3.32 0.75 -7.22
N MET A 83 3.40 2.09 -7.12
CA MET A 83 4.63 2.77 -6.70
C MET A 83 5.00 2.46 -5.25
N ASN A 84 4.00 2.42 -4.36
CA ASN A 84 4.24 2.05 -2.95
C ASN A 84 4.69 0.60 -2.81
N THR A 85 4.08 -0.30 -3.57
CA THR A 85 4.48 -1.71 -3.58
C THR A 85 5.97 -1.86 -3.98
N ASN A 86 6.37 -1.25 -5.10
CA ASN A 86 7.78 -1.31 -5.51
C ASN A 86 8.71 -0.72 -4.48
N LEU A 87 8.30 0.38 -3.85
CA LEU A 87 9.14 1.05 -2.87
C LEU A 87 9.30 0.20 -1.63
N GLU A 88 8.20 -0.36 -1.16
CA GLU A 88 8.19 -1.18 0.06
C GLU A 88 9.05 -2.42 -0.17
N THR A 89 8.81 -3.11 -1.30
CA THR A 89 9.58 -4.29 -1.66
C THR A 89 11.07 -3.99 -1.69
N PHE A 90 11.44 -2.81 -2.21
CA PHE A 90 12.86 -2.40 -2.28
C PHE A 90 13.46 -2.07 -0.90
N MET A 91 12.76 -1.27 -0.11
CA MET A 91 13.22 -0.93 1.26
C MET A 91 13.41 -2.13 2.17
N ASN A 92 12.57 -3.15 2.01
CA ASN A 92 12.61 -4.29 2.91
C ASN A 92 13.62 -5.37 2.53
N ALA A 93 14.13 -5.35 1.32
CA ALA A 93 15.14 -6.33 0.91
C ALA A 93 16.52 -5.91 1.43
N ASP A 94 17.42 -6.86 1.54
CA ASP A 94 18.78 -6.62 2.01
C ASP A 94 19.80 -6.51 0.86
N ARG A 95 19.48 -7.10 -0.28
CA ARG A 95 20.43 -7.18 -1.40
C ARG A 95 19.68 -6.91 -2.69
N TYR A 96 20.33 -6.19 -3.61
CA TYR A 96 19.79 -5.94 -4.97
C TYR A 96 20.74 -6.42 -6.04
N VAL A 97 20.24 -7.19 -7.00
CA VAL A 97 21.02 -7.55 -8.15
C VAL A 97 20.29 -6.96 -9.34
N PHE A 98 20.97 -6.11 -10.12
CA PHE A 98 20.38 -5.48 -11.33
C PHE A 98 21.03 -6.09 -12.58
N VAL A 99 20.22 -6.51 -13.56
CA VAL A 99 20.72 -6.98 -14.84
C VAL A 99 20.20 -6.07 -15.95
N THR A 100 21.12 -5.44 -16.67
CA THR A 100 20.75 -4.55 -17.78
C THR A 100 21.66 -4.72 -18.98
N PRO A 101 21.13 -4.48 -20.18
CA PRO A 101 21.92 -4.32 -21.37
C PRO A 101 22.21 -2.85 -21.60
N MET A 102 23.26 -2.53 -22.34
CA MET A 102 23.50 -1.17 -22.77
C MET A 102 22.82 -0.88 -24.10
N TRP A 103 21.85 0.05 -24.06
CA TRP A 103 21.19 0.55 -25.25
C TRP A 103 21.47 2.03 -25.35
N ASN A 104 22.18 2.42 -26.39
CA ASN A 104 22.51 3.80 -26.67
C ASN A 104 23.10 4.47 -25.43
N PHE A 105 24.17 3.83 -24.94
CA PHE A 105 25.01 4.35 -23.86
C PHE A 105 24.34 4.47 -22.51
N SER A 106 23.19 3.82 -22.35
CA SER A 106 22.56 3.74 -21.05
C SER A 106 21.67 2.50 -20.93
N TYR A 107 20.80 2.46 -19.93
CA TYR A 107 19.94 1.30 -19.66
C TYR A 107 18.55 1.48 -20.29
N PRO A 108 17.73 0.43 -20.30
CA PRO A 108 16.36 0.61 -20.74
C PRO A 108 15.59 1.58 -19.89
N PRO A 109 14.69 2.32 -20.49
CA PRO A 109 13.95 3.37 -19.77
C PRO A 109 13.34 2.90 -18.45
N VAL A 110 12.83 1.68 -18.42
CA VAL A 110 12.16 1.18 -17.24
C VAL A 110 13.10 1.09 -16.01
N VAL A 111 14.41 1.10 -16.21
CA VAL A 111 15.31 1.18 -15.07
C VAL A 111 15.20 2.54 -14.39
N LYS A 112 15.12 3.59 -15.21
CA LYS A 112 14.94 4.92 -14.67
C LYS A 112 13.58 5.03 -13.99
N ALA A 113 12.54 4.46 -14.59
CA ALA A 113 11.20 4.51 -13.98
C ALA A 113 11.26 3.82 -12.59
N TYR A 114 11.98 2.71 -12.53
CA TYR A 114 12.13 1.99 -11.28
C TYR A 114 12.87 2.81 -10.23
N LEU A 115 13.96 3.45 -10.60
CA LEU A 115 14.70 4.28 -9.66
C LEU A 115 13.82 5.45 -9.20
N ASP A 116 12.98 5.97 -10.10
CA ASP A 116 12.06 7.03 -9.69
C ASP A 116 10.98 6.52 -8.74
N ASN A 117 10.67 5.22 -8.77
CA ASN A 117 9.78 4.62 -7.72
C ASN A 117 10.47 4.43 -6.35
N VAL A 118 11.76 4.19 -6.37
CA VAL A 118 12.47 3.73 -5.19
C VAL A 118 13.25 4.85 -4.43
N ALA A 119 13.45 5.99 -5.08
CA ALA A 119 14.12 7.13 -4.49
C ALA A 119 13.06 8.14 -4.09
N ILE A 120 12.69 8.11 -2.81
CA ILE A 120 11.54 8.85 -2.31
C ILE A 120 11.91 9.55 -1.01
N ALA A 121 11.65 10.85 -0.97
CA ALA A 121 11.95 11.70 0.23
C ALA A 121 11.22 11.22 1.46
N GLY A 122 11.94 11.11 2.57
CA GLY A 122 11.38 10.64 3.82
C GLY A 122 11.26 9.14 3.91
N LYS A 123 11.64 8.42 2.86
CA LYS A 123 11.59 6.95 2.86
C LYS A 123 12.97 6.36 2.60
N THR A 124 13.58 6.77 1.49
CA THR A 124 14.92 6.27 1.14
C THR A 124 16.03 7.32 1.12
N PHE A 125 15.67 8.58 1.30
CA PHE A 125 16.64 9.65 1.53
C PHE A 125 15.93 10.78 2.25
N LYS A 126 16.71 11.68 2.86
CA LYS A 126 16.13 12.82 3.60
C LYS A 126 16.96 14.05 3.29
N TYR A 127 16.36 15.22 3.51
CA TYR A 127 17.03 16.48 3.25
C TYR A 127 17.85 16.90 4.47
N THR A 128 19.07 17.39 4.23
CA THR A 128 20.04 17.68 5.30
C THR A 128 20.63 19.08 5.04
N GLU A 129 21.15 19.74 6.09
CA GLU A 129 21.94 20.97 5.91
C GLU A 129 22.83 20.96 4.66
N ASN A 130 23.77 20.01 4.67
CA ASN A 130 24.77 19.87 3.60
C ASN A 130 24.17 19.38 2.29
N GLY A 131 23.02 18.72 2.38
CA GLY A 131 22.34 18.19 1.21
C GLY A 131 21.73 16.84 1.53
N PRO A 132 21.05 16.23 0.54
CA PRO A 132 20.36 14.97 0.79
C PRO A 132 21.29 13.81 1.14
N VAL A 133 20.81 12.90 1.98
CA VAL A 133 21.56 11.68 2.30
C VAL A 133 20.62 10.48 2.38
N GLY A 134 21.18 9.30 2.16
CA GLY A 134 20.39 8.08 2.10
C GLY A 134 19.88 7.67 3.46
N LEU A 135 18.77 6.95 3.48
CA LEU A 135 18.19 6.42 4.70
C LEU A 135 18.42 4.92 4.81
N LEU A 136 18.79 4.28 3.72
CA LEU A 136 18.96 2.83 3.71
C LEU A 136 20.35 2.43 4.25
N GLU A 137 20.34 1.49 5.17
CA GLU A 137 21.52 0.94 5.81
C GLU A 137 21.51 -0.57 5.60
N GLY A 138 22.68 -1.20 5.68
CA GLY A 138 22.76 -2.65 5.60
C GLY A 138 22.48 -3.30 4.25
N LYS A 139 22.57 -2.52 3.19
CA LYS A 139 22.23 -3.01 1.86
C LYS A 139 23.48 -3.19 1.03
N LYS A 140 23.36 -4.06 0.03
CA LYS A 140 24.46 -4.33 -0.90
C LYS A 140 23.85 -4.51 -2.29
N ALA A 141 24.52 -4.02 -3.32
CA ALA A 141 24.02 -4.19 -4.69
C ALA A 141 25.06 -4.77 -5.62
N LEU A 142 24.59 -5.44 -6.65
CA LEU A 142 25.44 -5.86 -7.77
C LEU A 142 24.75 -5.40 -9.05
N HIS A 143 25.52 -4.77 -9.92
CA HIS A 143 25.07 -4.50 -11.27
C HIS A 143 25.84 -5.37 -12.27
N ILE A 144 25.10 -6.15 -13.05
CA ILE A 144 25.65 -6.90 -14.20
C ILE A 144 25.16 -6.20 -15.47
N GLN A 145 26.08 -5.76 -16.30
CA GLN A 145 25.70 -5.02 -17.51
C GLN A 145 26.38 -5.65 -18.68
N ALA A 146 25.60 -5.93 -19.74
CA ALA A 146 26.15 -6.42 -21.00
C ALA A 146 26.22 -5.30 -22.03
N THR A 147 27.34 -5.20 -22.74
CA THR A 147 27.60 -4.11 -23.67
C THR A 147 28.35 -4.64 -24.90
N GLY A 148 28.00 -4.12 -26.07
CA GLY A 148 28.65 -4.50 -27.31
C GLY A 148 30.12 -4.12 -27.29
N GLY A 149 30.39 -2.87 -26.94
CA GLY A 149 31.76 -2.36 -26.84
C GLY A 149 32.37 -2.65 -25.49
N VAL A 150 33.48 -1.98 -25.23
CA VAL A 150 34.19 -2.09 -23.95
C VAL A 150 34.22 -0.71 -23.25
N TYR A 151 33.60 -0.62 -22.07
CA TYR A 151 33.46 0.64 -21.34
C TYR A 151 33.91 0.53 -19.88
N SER A 152 34.33 -0.64 -19.42
CA SER A 152 34.49 -0.87 -17.98
C SER A 152 35.64 -0.08 -17.37
N GLU A 153 36.65 0.26 -18.16
CA GLU A 153 37.82 0.97 -17.67
C GLU A 153 38.35 1.83 -18.79
N GLY A 154 39.15 2.85 -18.47
CA GLY A 154 39.69 3.70 -19.51
C GLY A 154 38.72 4.77 -19.99
N ALA A 155 39.01 5.37 -21.13
CA ALA A 155 38.37 6.61 -21.56
C ALA A 155 36.87 6.47 -21.78
N TYR A 156 36.45 5.31 -22.28
CA TYR A 156 35.05 5.09 -22.59
C TYR A 156 34.18 4.89 -21.36
N ALA A 157 34.79 4.68 -20.20
CA ALA A 157 34.03 4.66 -18.93
C ALA A 157 33.16 5.90 -18.76
N ALA A 158 33.63 7.03 -19.28
CA ALA A 158 32.92 8.30 -19.20
C ALA A 158 31.56 8.30 -19.86
N VAL A 159 31.36 7.39 -20.82
CA VAL A 159 30.06 7.28 -21.51
C VAL A 159 29.28 6.03 -21.11
N ASP A 160 29.70 5.37 -20.04
CA ASP A 160 28.95 4.25 -19.50
C ASP A 160 27.85 4.78 -18.56
N PHE A 161 26.87 5.47 -19.13
CA PHE A 161 25.93 6.27 -18.33
C PHE A 161 24.98 5.43 -17.48
N GLY A 162 24.61 4.26 -17.97
CA GLY A 162 23.72 3.36 -17.23
C GLY A 162 24.38 2.85 -15.96
N ARG A 163 25.59 2.32 -16.12
CA ARG A 163 26.36 1.94 -14.97
C ARG A 163 26.48 3.11 -13.96
N ASN A 164 26.94 4.26 -14.44
CA ASN A 164 27.33 5.32 -13.56
C ASN A 164 26.14 5.99 -12.89
N HIS A 165 25.06 6.15 -13.62
CA HIS A 165 23.87 6.74 -13.04
C HIS A 165 23.26 5.80 -11.99
N LEU A 166 23.19 4.51 -12.33
CA LEU A 166 22.64 3.53 -11.41
C LEU A 166 23.39 3.49 -10.09
N LYS A 167 24.72 3.47 -10.14
CA LYS A 167 25.56 3.50 -8.97
C LYS A 167 25.31 4.77 -8.20
N THR A 168 25.21 5.88 -8.90
CA THR A 168 24.98 7.16 -8.24
C THR A 168 23.66 7.19 -7.44
N VAL A 169 22.57 6.70 -8.03
CA VAL A 169 21.30 6.71 -7.33
C VAL A 169 21.32 5.72 -6.19
N LEU A 170 21.87 4.53 -6.40
CA LEU A 170 22.04 3.59 -5.29
C LEU A 170 22.79 4.23 -4.12
N GLY A 171 23.89 4.92 -4.41
CA GLY A 171 24.66 5.56 -3.37
C GLY A 171 23.86 6.63 -2.67
N PHE A 172 23.08 7.34 -3.44
CA PHE A 172 22.32 8.43 -2.94
C PHE A 172 21.28 7.96 -1.91
N VAL A 173 20.68 6.80 -2.16
CA VAL A 173 19.70 6.23 -1.23
C VAL A 173 20.35 5.45 -0.10
N GLY A 174 21.68 5.37 -0.09
CA GLY A 174 22.42 4.80 1.04
C GLY A 174 23.09 3.46 0.76
N VAL A 175 22.89 2.92 -0.44
CA VAL A 175 23.55 1.69 -0.83
C VAL A 175 24.90 2.03 -1.46
N ASN A 176 25.93 2.17 -0.65
CA ASN A 176 27.26 2.52 -1.17
C ASN A 176 28.13 1.28 -1.47
N ASP A 177 27.72 0.10 -0.96
CA ASP A 177 28.40 -1.14 -1.22
C ASP A 177 27.83 -1.75 -2.50
N THR A 178 28.52 -1.54 -3.62
CA THR A 178 28.08 -2.08 -4.88
C THR A 178 29.15 -2.78 -5.65
N GLU A 179 28.79 -3.84 -6.33
CA GLU A 179 29.72 -4.61 -7.14
C GLU A 179 29.29 -4.44 -8.58
N TYR A 180 30.22 -4.63 -9.49
CA TYR A 180 29.94 -4.48 -10.89
C TYR A 180 30.58 -5.60 -11.72
N ILE A 181 29.80 -6.23 -12.58
CA ILE A 181 30.33 -7.16 -13.54
C ILE A 181 29.90 -6.71 -14.93
N ALA A 182 30.88 -6.54 -15.80
CA ALA A 182 30.66 -6.25 -17.19
C ALA A 182 30.76 -7.52 -18.02
N VAL A 183 29.83 -7.69 -18.94
CA VAL A 183 29.89 -8.71 -19.97
C VAL A 183 30.07 -7.91 -21.24
N GLU A 184 31.30 -7.72 -21.66
CA GLU A 184 31.61 -6.68 -22.66
C GLU A 184 32.49 -7.11 -23.85
N GLY A 185 32.31 -6.41 -24.95
CA GLY A 185 33.15 -6.55 -26.11
C GLY A 185 32.69 -7.60 -27.14
N MET A 186 31.47 -8.14 -26.95
CA MET A 186 30.93 -9.19 -27.80
C MET A 186 30.69 -8.73 -29.22
N ASN A 187 30.27 -7.49 -29.37
CA ASN A 187 30.05 -6.93 -30.68
C ASN A 187 31.34 -6.46 -31.32
N ALA A 188 32.26 -5.94 -30.53
CA ALA A 188 33.61 -5.63 -31.03
C ALA A 188 34.39 -6.85 -31.49
N ASN A 189 34.06 -8.02 -30.95
CA ASN A 189 34.81 -9.22 -31.22
C ASN A 189 33.89 -10.44 -31.18
N PRO A 190 33.03 -10.59 -32.20
CA PRO A 190 31.97 -11.62 -32.19
C PRO A 190 32.45 -13.06 -32.13
N GLU A 191 33.70 -13.31 -32.52
CA GLU A 191 34.28 -14.64 -32.50
C GLU A 191 34.71 -15.02 -31.08
N LYS A 192 34.92 -14.00 -30.25
CA LYS A 192 35.31 -14.15 -28.86
C LYS A 192 34.11 -14.11 -27.90
N ALA A 193 32.91 -13.95 -28.45
CA ALA A 193 31.74 -13.74 -27.64
C ALA A 193 31.44 -14.86 -26.66
N GLN A 194 31.66 -16.10 -27.06
CA GLN A 194 31.36 -17.20 -26.17
C GLN A 194 32.36 -17.26 -25.04
N GLU A 195 33.62 -16.95 -25.34
CA GLU A 195 34.65 -16.91 -24.34
C GLU A 195 34.44 -15.77 -23.34
N ILE A 196 33.96 -14.63 -23.85
CA ILE A 196 33.68 -13.49 -23.01
C ILE A 196 32.54 -13.87 -22.06
N LYS A 197 31.52 -14.54 -22.57
CA LYS A 197 30.37 -14.94 -21.77
C LYS A 197 30.78 -15.92 -20.70
N GLU A 198 31.55 -16.94 -21.06
CA GLU A 198 31.97 -17.94 -20.08
C GLU A 198 32.87 -17.34 -19.00
N ALA A 199 33.70 -16.37 -19.36
CA ALA A 199 34.60 -15.75 -18.38
C ALA A 199 33.77 -14.91 -17.36
N ALA A 200 32.72 -14.29 -17.88
CA ALA A 200 31.82 -13.49 -17.07
C ALA A 200 30.92 -14.40 -16.19
N ILE A 201 30.50 -15.53 -16.76
CA ILE A 201 29.80 -16.54 -15.97
C ILE A 201 30.70 -17.00 -14.80
N ALA A 202 31.97 -17.32 -15.10
CA ALA A 202 32.88 -17.77 -14.03
C ALA A 202 33.06 -16.68 -12.98
N ASN A 203 33.19 -15.42 -13.41
CA ASN A 203 33.37 -14.31 -12.49
C ASN A 203 32.12 -14.17 -11.59
N ALA A 204 30.92 -14.28 -12.18
CA ALA A 204 29.69 -14.23 -11.41
C ALA A 204 29.56 -15.40 -10.38
N ARG A 205 29.94 -16.61 -10.77
CA ARG A 205 29.93 -17.76 -9.83
C ARG A 205 30.85 -17.67 -8.65
N GLU A 206 32.02 -17.09 -8.88
CA GLU A 206 32.94 -16.80 -7.79
C GLU A 206 32.40 -15.70 -6.88
N LEU A 207 31.89 -14.61 -7.45
CA LEU A 207 31.34 -13.51 -6.67
C LEU A 207 30.21 -13.99 -5.80
N ALA A 208 29.44 -14.94 -6.31
CA ALA A 208 28.28 -15.44 -5.56
C ALA A 208 28.70 -16.05 -4.21
N LYS A 209 29.89 -16.58 -4.15
CA LYS A 209 30.40 -17.17 -2.92
C LYS A 209 30.83 -16.14 -1.92
N ARG A 210 30.97 -14.88 -2.34
CA ARG A 210 31.35 -13.83 -1.39
C ARG A 210 30.36 -12.67 -1.28
N PHE A 211 29.24 -12.74 -1.97
CA PHE A 211 28.31 -11.61 -1.98
C PHE A 211 27.40 -11.52 -0.77
N THR B 2 12.55 25.88 -42.37
CA THR B 2 13.17 25.30 -41.15
C THR B 2 12.12 24.71 -40.22
N LYS B 3 12.26 23.41 -39.95
CA LYS B 3 11.33 22.71 -39.09
C LYS B 3 11.98 22.47 -37.75
N VAL B 4 11.29 22.91 -36.70
CA VAL B 4 11.75 22.79 -35.32
C VAL B 4 10.88 21.83 -34.53
N LEU B 5 11.51 20.90 -33.82
CA LEU B 5 10.78 20.03 -32.88
C LEU B 5 10.96 20.55 -31.45
N PHE B 6 9.87 20.88 -30.79
CA PHE B 6 9.87 21.32 -29.41
C PHE B 6 9.45 20.09 -28.61
N ILE B 7 10.45 19.37 -28.10
CA ILE B 7 10.27 18.10 -27.42
C ILE B 7 10.31 18.29 -25.90
N THR B 8 9.17 18.13 -25.23
CA THR B 8 9.07 18.42 -23.83
C THR B 8 8.83 17.14 -23.05
N ALA B 9 9.46 17.06 -21.89
CA ALA B 9 9.28 15.93 -20.99
C ALA B 9 9.02 16.42 -19.61
N ASN B 10 7.93 17.14 -19.47
CA ASN B 10 7.54 17.61 -18.18
C ASN B 10 6.03 17.48 -18.05
N PRO B 11 5.57 16.78 -17.01
CA PRO B 11 4.12 16.57 -16.86
C PRO B 11 3.35 17.87 -16.53
N ASN B 12 4.07 18.91 -16.11
CA ASN B 12 3.48 20.22 -15.87
C ASN B 12 3.69 21.15 -17.04
N SER B 13 2.85 22.16 -17.12
CA SER B 13 2.89 23.16 -18.16
C SER B 13 3.83 24.26 -17.70
N ALA B 14 3.94 25.30 -18.52
CA ALA B 14 4.75 26.47 -18.18
C ALA B 14 4.33 27.19 -16.89
N GLU B 15 3.10 26.98 -16.42
CA GLU B 15 2.58 27.58 -15.17
C GLU B 15 3.20 26.97 -13.92
N GLY B 16 3.60 25.71 -14.01
CA GLY B 16 4.12 24.99 -12.86
C GLY B 16 5.46 24.32 -13.04
N SER B 17 6.17 24.62 -14.13
CA SER B 17 7.50 24.09 -14.37
C SER B 17 8.48 25.21 -14.78
N PHE B 18 9.63 25.23 -14.13
CA PHE B 18 10.67 26.21 -14.45
C PHE B 18 11.22 25.97 -15.85
N GLY B 19 11.48 24.71 -16.19
CA GLY B 19 12.00 24.37 -17.52
C GLY B 19 11.01 24.73 -18.63
N MET B 20 9.75 24.37 -18.45
CA MET B 20 8.71 24.74 -19.42
C MET B 20 8.51 26.27 -19.59
N ALA B 21 8.66 27.03 -18.51
CA ALA B 21 8.59 28.49 -18.59
C ALA B 21 9.65 29.00 -19.53
N VAL B 22 10.88 28.58 -19.28
CA VAL B 22 12.01 29.00 -20.09
C VAL B 22 11.91 28.49 -21.55
N GLY B 23 11.48 27.24 -21.72
CA GLY B 23 11.30 26.66 -23.05
C GLY B 23 10.22 27.36 -23.86
N GLU B 24 9.11 27.70 -23.23
CA GLU B 24 8.08 28.48 -23.91
C GLU B 24 8.58 29.90 -24.25
N ALA B 25 9.32 30.55 -23.35
CA ALA B 25 9.92 31.85 -23.68
C ALA B 25 10.90 31.72 -24.87
N PHE B 26 11.70 30.67 -24.89
CA PHE B 26 12.58 30.44 -26.01
C PHE B 26 11.76 30.34 -27.30
N ILE B 27 10.77 29.45 -27.28
CA ILE B 27 10.03 29.12 -28.49
C ILE B 27 9.24 30.31 -29.05
N GLU B 28 8.62 31.12 -28.18
CA GLU B 28 7.90 32.31 -28.59
C GLU B 28 8.84 33.31 -29.23
N ALA B 29 9.97 33.53 -28.58
CA ALA B 29 10.97 34.47 -29.08
C ALA B 29 11.51 33.96 -30.43
N TYR B 30 11.74 32.66 -30.52
CA TYR B 30 12.14 32.10 -31.78
C TYR B 30 11.08 32.28 -32.88
N LYS B 31 9.81 32.04 -32.56
CA LYS B 31 8.77 32.24 -33.58
C LYS B 31 8.67 33.67 -34.10
N ASN B 32 8.81 34.65 -33.21
CA ASN B 32 8.83 36.07 -33.61
C ASN B 32 9.92 36.40 -34.57
N GLU B 33 11.10 35.82 -34.34
CA GLU B 33 12.25 36.04 -35.21
C GLU B 33 12.08 35.31 -36.53
N HIS B 34 11.43 34.15 -36.50
CA HIS B 34 11.25 33.37 -37.71
C HIS B 34 9.78 32.95 -37.89
N PRO B 35 8.94 33.90 -38.30
CA PRO B 35 7.51 33.63 -38.45
C PRO B 35 7.16 32.49 -39.40
N GLN B 36 8.00 32.24 -40.40
CA GLN B 36 7.69 31.21 -41.39
C GLN B 36 8.19 29.83 -41.00
N ASP B 37 8.94 29.72 -39.90
CA ASP B 37 9.42 28.41 -39.45
C ASP B 37 8.30 27.61 -38.83
N GLU B 38 8.35 26.30 -39.03
CA GLU B 38 7.35 25.41 -38.52
C GLU B 38 7.87 24.83 -37.22
N VAL B 39 7.03 24.87 -36.20
CA VAL B 39 7.38 24.41 -34.88
C VAL B 39 6.31 23.41 -34.45
N VAL B 40 6.71 22.17 -34.28
CA VAL B 40 5.82 21.13 -33.84
C VAL B 40 6.22 20.72 -32.43
N THR B 41 5.20 20.60 -31.57
CA THR B 41 5.40 20.24 -30.19
C THR B 41 5.22 18.75 -30.10
N ILE B 42 6.22 18.09 -29.54
CA ILE B 42 6.05 16.70 -29.15
C ILE B 42 6.20 16.57 -27.64
N ASP B 43 5.05 16.50 -26.99
CA ASP B 43 4.96 16.32 -25.55
C ASP B 43 5.10 14.82 -25.32
N LEU B 44 6.25 14.43 -24.76
CA LEU B 44 6.57 13.03 -24.55
C LEU B 44 5.68 12.36 -23.51
N PHE B 45 5.04 13.13 -22.64
CA PHE B 45 3.97 12.61 -21.76
C PHE B 45 2.60 12.42 -22.43
N ASN B 46 2.45 12.81 -23.69
CA ASN B 46 1.21 12.57 -24.48
C ASN B 46 1.54 12.16 -25.90
N THR B 47 2.62 11.40 -26.07
CA THR B 47 2.99 10.87 -27.35
C THR B 47 3.31 9.42 -27.13
N THR B 48 2.93 8.59 -28.08
CA THR B 48 3.20 7.20 -27.89
C THR B 48 4.66 7.03 -28.30
N VAL B 49 5.46 6.55 -27.34
CA VAL B 49 6.88 6.36 -27.48
C VAL B 49 7.18 4.96 -26.96
N PRO B 50 7.05 3.95 -27.83
CA PRO B 50 7.19 2.55 -27.43
C PRO B 50 8.58 2.28 -26.89
N ALA B 51 8.61 1.65 -25.72
CA ALA B 51 9.83 1.11 -25.16
C ALA B 51 10.24 -0.04 -26.05
N ILE B 52 11.54 -0.25 -26.21
CA ILE B 52 12.02 -1.45 -26.84
C ILE B 52 11.75 -2.61 -25.88
N ASP B 53 11.00 -3.60 -26.36
CA ASP B 53 10.65 -4.77 -25.56
C ASP B 53 10.64 -6.03 -26.43
N ALA B 54 10.10 -7.14 -25.91
CA ALA B 54 10.06 -8.42 -26.62
C ALA B 54 9.31 -8.31 -27.95
N ASP B 55 8.20 -7.59 -27.95
CA ASP B 55 7.47 -7.33 -29.19
C ASP B 55 8.34 -6.61 -30.20
N VAL B 56 9.09 -5.59 -29.76
CA VAL B 56 9.94 -4.90 -30.72
C VAL B 56 11.05 -5.80 -31.26
N PHE B 57 11.73 -6.52 -30.38
CA PHE B 57 12.79 -7.44 -30.83
C PHE B 57 12.23 -8.52 -31.77
N ALA B 58 11.06 -9.05 -31.46
CA ALA B 58 10.41 -10.00 -32.36
C ALA B 58 10.12 -9.36 -33.73
N ALA B 59 9.58 -8.16 -33.73
CA ALA B 59 9.33 -7.43 -34.97
C ALA B 59 10.59 -7.25 -35.78
N TRP B 60 11.66 -6.77 -35.14
CA TRP B 60 12.97 -6.60 -35.82
C TRP B 60 13.53 -7.90 -36.38
N GLY B 61 13.27 -9.01 -35.70
CA GLY B 61 13.72 -10.32 -36.16
C GLY B 61 13.05 -10.71 -37.44
N LYS B 62 11.74 -10.44 -37.51
CA LYS B 62 11.00 -10.66 -38.74
C LYS B 62 11.46 -9.76 -39.91
N PHE B 63 11.78 -8.51 -39.64
CA PHE B 63 12.29 -7.63 -40.69
C PHE B 63 13.65 -8.08 -41.17
N ALA B 64 14.47 -8.61 -40.25
CA ALA B 64 15.80 -9.12 -40.58
C ALA B 64 15.73 -10.44 -41.35
N ALA B 65 14.63 -11.18 -41.18
CA ALA B 65 14.40 -12.39 -41.92
C ALA B 65 13.79 -12.08 -43.30
N GLY B 66 13.64 -10.80 -43.63
CA GLY B 66 13.03 -10.40 -44.91
C GLY B 66 11.50 -10.34 -44.92
N GLU B 67 10.84 -10.65 -43.80
CA GLU B 67 9.38 -10.62 -43.73
C GLU B 67 8.89 -9.18 -43.72
N GLY B 68 7.60 -9.00 -44.05
CA GLY B 68 7.00 -7.67 -44.10
C GLY B 68 6.12 -7.37 -42.90
N PHE B 69 5.59 -6.15 -42.90
CA PHE B 69 4.78 -5.61 -41.80
C PHE B 69 3.61 -6.52 -41.39
N GLU B 70 3.04 -7.26 -42.34
CA GLU B 70 1.87 -8.10 -41.99
C GLU B 70 2.27 -9.42 -41.34
N ALA B 71 3.58 -9.66 -41.19
CA ALA B 71 4.05 -10.78 -40.39
C ALA B 71 3.96 -10.45 -38.89
N LEU B 72 3.88 -9.18 -38.55
CA LEU B 72 3.78 -8.79 -37.13
C LEU B 72 2.37 -9.01 -36.58
N THR B 73 2.31 -9.26 -35.27
CA THR B 73 1.03 -9.20 -34.55
C THR B 73 0.51 -7.75 -34.52
N GLU B 74 -0.76 -7.56 -34.18
CA GLU B 74 -1.32 -6.21 -34.10
C GLU B 74 -0.56 -5.30 -33.11
N VAL B 75 -0.25 -5.80 -31.92
CA VAL B 75 0.50 -5.02 -30.93
C VAL B 75 1.89 -4.62 -31.46
N GLN B 76 2.54 -5.55 -32.17
CA GLN B 76 3.85 -5.30 -32.76
C GLN B 76 3.76 -4.21 -33.81
N GLN B 77 2.75 -4.29 -34.66
CA GLN B 77 2.51 -3.29 -35.67
C GLN B 77 2.32 -1.92 -35.04
N GLN B 78 1.55 -1.85 -33.95
CA GLN B 78 1.28 -0.56 -33.30
C GLN B 78 2.56 0.07 -32.76
N LYS B 79 3.38 -0.76 -32.11
CA LYS B 79 4.64 -0.32 -31.56
C LYS B 79 5.65 0.11 -32.64
N VAL B 80 5.82 -0.68 -33.68
CA VAL B 80 6.74 -0.31 -34.76
C VAL B 80 6.22 0.89 -35.54
N ALA B 81 4.91 0.99 -35.75
CA ALA B 81 4.41 2.16 -36.47
C ALA B 81 4.70 3.43 -35.70
N ALA B 82 4.45 3.40 -34.39
CA ALA B 82 4.71 4.58 -33.57
C ALA B 82 6.22 4.91 -33.51
N MET B 83 7.07 3.89 -33.50
CA MET B 83 8.53 4.08 -33.51
C MET B 83 9.01 4.69 -34.82
N ASN B 84 8.49 4.20 -35.94
CA ASN B 84 8.83 4.76 -37.26
C ASN B 84 8.37 6.20 -37.44
N THR B 85 7.18 6.51 -36.93
CA THR B 85 6.69 7.89 -36.94
C THR B 85 7.64 8.83 -36.18
N ASN B 86 7.99 8.46 -34.95
CA ASN B 86 8.89 9.32 -34.16
C ASN B 86 10.23 9.48 -34.84
N LEU B 87 10.73 8.40 -35.43
CA LEU B 87 12.04 8.43 -36.08
C LEU B 87 12.01 9.33 -37.31
N GLU B 88 10.98 9.16 -38.13
CA GLU B 88 10.88 9.94 -39.32
C GLU B 88 10.69 11.43 -39.00
N THR B 89 9.82 11.76 -38.05
CA THR B 89 9.64 13.12 -37.61
C THR B 89 10.96 13.75 -37.16
N PHE B 90 11.79 12.97 -36.46
CA PHE B 90 13.05 13.43 -35.96
C PHE B 90 14.09 13.65 -37.05
N MET B 91 14.27 12.66 -37.92
CA MET B 91 15.17 12.77 -39.06
C MET B 91 14.86 13.93 -40.01
N ASN B 92 13.59 14.27 -40.17
CA ASN B 92 13.20 15.29 -41.13
C ASN B 92 13.22 16.73 -40.58
N ALA B 93 13.26 16.88 -39.27
CA ALA B 93 13.36 18.22 -38.69
C ALA B 93 14.78 18.75 -38.80
N ASP B 94 14.91 20.07 -38.74
CA ASP B 94 16.23 20.71 -38.78
C ASP B 94 16.77 21.10 -37.38
N ARG B 95 15.88 21.30 -36.43
CA ARG B 95 16.24 21.85 -35.12
C ARG B 95 15.47 21.13 -34.04
N TYR B 96 16.14 20.82 -32.94
CA TYR B 96 15.55 20.10 -31.80
C TYR B 96 15.71 20.96 -30.56
N VAL B 97 14.63 21.19 -29.84
CA VAL B 97 14.68 21.82 -28.54
C VAL B 97 14.13 20.81 -27.52
N PHE B 98 14.94 20.43 -26.53
CA PHE B 98 14.53 19.46 -25.49
C PHE B 98 14.34 20.22 -24.20
N VAL B 99 13.22 19.98 -23.52
CA VAL B 99 12.97 20.51 -22.19
C VAL B 99 12.78 19.38 -21.19
N THR B 100 13.64 19.34 -20.19
CA THR B 100 13.58 18.30 -19.18
C THR B 100 13.85 18.83 -17.79
N PRO B 101 13.22 18.24 -16.78
CA PRO B 101 13.60 18.45 -15.40
C PRO B 101 14.61 17.41 -14.98
N MET B 102 15.39 17.70 -13.95
CA MET B 102 16.24 16.67 -13.35
C MET B 102 15.48 15.96 -12.23
N TRP B 103 15.25 14.66 -12.44
CA TRP B 103 14.71 13.78 -11.42
C TRP B 103 15.75 12.70 -11.12
N ASN B 104 16.23 12.71 -9.88
CA ASN B 104 17.21 11.74 -9.40
C ASN B 104 18.42 11.65 -10.32
N PHE B 105 18.99 12.83 -10.57
CA PHE B 105 20.22 12.97 -11.34
C PHE B 105 20.17 12.60 -12.81
N SER B 106 18.95 12.50 -13.34
CA SER B 106 18.77 12.29 -14.75
C SER B 106 17.42 12.80 -15.22
N TYR B 107 17.01 12.42 -16.44
CA TYR B 107 15.79 12.90 -17.04
C TYR B 107 14.63 11.89 -16.81
N PRO B 108 13.39 12.26 -17.20
CA PRO B 108 12.31 11.30 -17.07
C PRO B 108 12.58 10.11 -17.99
N PRO B 109 12.14 8.92 -17.59
CA PRO B 109 12.36 7.73 -18.39
C PRO B 109 11.98 7.88 -19.87
N VAL B 110 10.89 8.57 -20.15
CA VAL B 110 10.42 8.73 -21.52
C VAL B 110 11.43 9.45 -22.45
N VAL B 111 12.38 10.20 -21.89
CA VAL B 111 13.42 10.77 -22.74
C VAL B 111 14.29 9.64 -23.30
N LYS B 112 14.60 8.66 -22.45
CA LYS B 112 15.42 7.54 -22.88
C LYS B 112 14.64 6.74 -23.89
N ALA B 113 13.34 6.56 -23.66
CA ALA B 113 12.53 5.83 -24.61
C ALA B 113 12.57 6.52 -25.97
N TYR B 114 12.55 7.85 -25.93
CA TYR B 114 12.56 8.64 -27.16
C TYR B 114 13.90 8.49 -27.88
N LEU B 115 15.00 8.55 -27.13
CA LEU B 115 16.30 8.38 -27.75
C LEU B 115 16.47 6.97 -28.34
N ASP B 116 15.87 5.97 -27.68
CA ASP B 116 15.87 4.63 -28.24
C ASP B 116 14.99 4.49 -29.49
N ASN B 117 13.99 5.35 -29.67
CA ASN B 117 13.26 5.43 -30.95
C ASN B 117 14.07 6.08 -32.08
N VAL B 118 14.95 7.03 -31.74
CA VAL B 118 15.51 7.96 -32.74
C VAL B 118 16.97 7.58 -33.14
N ALA B 119 17.60 6.71 -32.34
CA ALA B 119 18.93 6.22 -32.64
C ALA B 119 18.78 4.82 -33.24
N ILE B 120 18.84 4.73 -34.57
CA ILE B 120 18.53 3.50 -35.30
C ILE B 120 19.59 3.28 -36.40
N ALA B 121 20.19 2.10 -36.40
CA ALA B 121 21.22 1.72 -37.38
C ALA B 121 20.72 1.81 -38.81
N GLY B 122 21.52 2.43 -39.67
CA GLY B 122 21.15 2.60 -41.08
C GLY B 122 20.22 3.76 -41.31
N LYS B 123 19.80 4.45 -40.25
CA LYS B 123 18.91 5.60 -40.40
C LYS B 123 19.55 6.83 -39.82
N THR B 124 19.96 6.77 -38.56
CA THR B 124 20.59 7.92 -37.90
C THR B 124 22.04 7.72 -37.49
N PHE B 125 22.55 6.49 -37.66
CA PHE B 125 23.98 6.21 -37.53
C PHE B 125 24.28 4.97 -38.34
N LYS B 126 25.56 4.76 -38.67
CA LYS B 126 25.96 3.59 -39.41
C LYS B 126 27.22 3.02 -38.80
N TYR B 127 27.48 1.75 -39.10
CA TYR B 127 28.70 1.10 -38.63
C TYR B 127 29.83 1.36 -39.62
N THR B 128 31.03 1.62 -39.11
CA THR B 128 32.22 1.76 -39.98
C THR B 128 33.40 1.02 -39.38
N GLU B 129 34.47 0.87 -40.17
CA GLU B 129 35.74 0.30 -39.70
C GLU B 129 36.09 0.75 -38.28
N ASN B 130 36.32 2.05 -38.13
CA ASN B 130 36.76 2.66 -36.88
C ASN B 130 35.67 2.73 -35.80
N GLY B 131 34.42 2.58 -36.18
CA GLY B 131 33.30 2.54 -35.23
C GLY B 131 32.11 3.35 -35.74
N PRO B 132 31.00 3.37 -34.99
CA PRO B 132 29.76 4.01 -35.47
C PRO B 132 29.89 5.51 -35.66
N VAL B 133 29.20 6.04 -36.68
CA VAL B 133 29.23 7.45 -37.03
C VAL B 133 27.78 7.92 -37.31
N GLY B 134 27.47 9.16 -36.97
CA GLY B 134 26.11 9.67 -37.17
C GLY B 134 25.84 9.88 -38.63
N LEU B 135 24.55 9.83 -39.01
CA LEU B 135 24.11 10.06 -40.39
C LEU B 135 23.44 11.40 -40.57
N LEU B 136 23.07 12.03 -39.47
CA LEU B 136 22.35 13.30 -39.53
C LEU B 136 23.31 14.50 -39.72
N GLU B 137 22.97 15.34 -40.72
CA GLU B 137 23.72 16.53 -41.10
C GLU B 137 22.74 17.74 -41.09
N GLY B 138 23.29 18.92 -40.97
CA GLY B 138 22.47 20.13 -40.95
C GLY B 138 21.59 20.35 -39.72
N LYS B 139 21.88 19.68 -38.62
CA LYS B 139 21.01 19.76 -37.44
C LYS B 139 21.62 20.61 -36.35
N LYS B 140 20.75 21.13 -35.48
CA LYS B 140 21.15 21.86 -34.28
C LYS B 140 20.21 21.48 -33.15
N ALA B 141 20.73 21.38 -31.93
CA ALA B 141 19.90 21.11 -30.78
C ALA B 141 20.11 22.12 -29.64
N LEU B 142 19.07 22.28 -28.84
CA LEU B 142 19.15 23.00 -27.58
C LEU B 142 18.54 22.13 -26.50
N HIS B 143 19.26 22.00 -25.37
CA HIS B 143 18.72 21.36 -24.19
C HIS B 143 18.53 22.41 -23.09
N ILE B 144 17.31 22.55 -22.63
CA ILE B 144 16.97 23.35 -21.46
C ILE B 144 16.66 22.37 -20.34
N GLN B 145 17.42 22.44 -19.27
CA GLN B 145 17.21 21.53 -18.13
C GLN B 145 17.03 22.32 -16.87
N ALA B 146 15.98 21.99 -16.11
CA ALA B 146 15.75 22.60 -14.81
C ALA B 146 16.16 21.64 -13.70
N THR B 147 16.88 22.16 -12.71
CA THR B 147 17.44 21.36 -11.65
C THR B 147 17.34 22.12 -10.32
N GLY B 148 17.06 21.38 -9.24
CA GLY B 148 16.97 21.96 -7.91
C GLY B 148 18.32 22.51 -7.52
N GLY B 149 19.35 21.68 -7.69
CA GLY B 149 20.70 22.04 -7.31
C GLY B 149 21.41 22.73 -8.46
N VAL B 150 22.72 22.83 -8.31
CA VAL B 150 23.58 23.46 -9.33
C VAL B 150 24.59 22.44 -9.85
N TYR B 151 24.49 22.11 -11.14
CA TYR B 151 25.31 21.06 -11.78
C TYR B 151 25.98 21.54 -13.06
N SER B 152 25.77 22.79 -13.47
CA SER B 152 26.19 23.22 -14.83
C SER B 152 27.71 23.34 -15.02
N GLU B 153 28.45 23.57 -13.94
CA GLU B 153 29.92 23.68 -13.99
C GLU B 153 30.47 23.08 -12.71
N GLY B 154 31.76 22.74 -12.70
CA GLY B 154 32.39 22.30 -11.46
C GLY B 154 32.11 20.85 -11.18
N ALA B 155 32.35 20.42 -9.95
CA ALA B 155 32.45 18.98 -9.63
C ALA B 155 31.16 18.23 -9.87
N TYR B 156 30.02 18.88 -9.61
CA TYR B 156 28.73 18.23 -9.71
C TYR B 156 28.29 18.01 -11.15
N ALA B 157 28.99 18.62 -12.11
CA ALA B 157 28.77 18.32 -13.53
C ALA B 157 28.86 16.85 -13.83
N ALA B 158 29.69 16.14 -13.08
CA ALA B 158 29.90 14.69 -13.25
C ALA B 158 28.65 13.85 -12.97
N VAL B 159 27.73 14.39 -12.17
CA VAL B 159 26.47 13.67 -11.90
C VAL B 159 25.25 14.29 -12.61
N ASP B 160 25.49 15.17 -13.59
CA ASP B 160 24.43 15.68 -14.45
C ASP B 160 24.18 14.69 -15.60
N PHE B 161 23.66 13.52 -15.25
CA PHE B 161 23.60 12.40 -16.21
C PHE B 161 22.61 12.59 -17.36
N GLY B 162 21.53 13.31 -17.10
CA GLY B 162 20.52 13.59 -18.14
C GLY B 162 21.09 14.51 -19.20
N ARG B 163 21.68 15.62 -18.76
CA ARG B 163 22.39 16.47 -19.70
C ARG B 163 23.44 15.69 -20.53
N ASN B 164 24.32 14.98 -19.84
CA ASN B 164 25.49 14.46 -20.48
C ASN B 164 25.16 13.28 -21.40
N HIS B 165 24.23 12.44 -20.97
CA HIS B 165 23.82 11.35 -21.81
C HIS B 165 23.10 11.87 -23.09
N LEU B 166 22.20 12.84 -22.91
CA LEU B 166 21.48 13.40 -24.01
C LEU B 166 22.40 13.99 -25.06
N LYS B 167 23.41 14.75 -24.63
CA LYS B 167 24.38 15.38 -25.53
C LYS B 167 25.16 14.28 -26.23
N THR B 168 25.49 13.24 -25.49
CA THR B 168 26.24 12.12 -26.08
C THR B 168 25.46 11.44 -27.21
N VAL B 169 24.19 11.15 -26.99
CA VAL B 169 23.40 10.46 -28.00
C VAL B 169 23.18 11.37 -29.20
N LEU B 170 22.88 12.62 -28.96
CA LEU B 170 22.76 13.57 -30.05
C LEU B 170 24.02 13.58 -30.91
N GLY B 171 25.18 13.62 -30.27
CA GLY B 171 26.43 13.67 -30.99
C GLY B 171 26.67 12.40 -31.75
N PHE B 172 26.26 11.31 -31.15
CA PHE B 172 26.46 10.01 -31.76
C PHE B 172 25.68 9.89 -33.10
N VAL B 173 24.50 10.50 -33.13
CA VAL B 173 23.64 10.47 -34.27
C VAL B 173 23.94 11.61 -35.26
N GLY B 174 24.96 12.41 -34.94
CA GLY B 174 25.51 13.41 -35.85
C GLY B 174 25.18 14.85 -35.52
N VAL B 175 24.32 15.07 -34.52
CA VAL B 175 23.99 16.46 -34.11
C VAL B 175 25.05 16.94 -33.11
N ASN B 176 26.16 17.48 -33.60
CA ASN B 176 27.26 17.92 -32.73
C ASN B 176 27.16 19.38 -32.33
N ASP B 177 26.29 20.12 -33.02
CA ASP B 177 26.01 21.50 -32.70
C ASP B 177 24.89 21.58 -31.69
N THR B 178 25.25 21.74 -30.43
CA THR B 178 24.24 21.82 -29.38
C THR B 178 24.40 23.09 -28.58
N GLU B 179 23.32 23.47 -27.93
CA GLU B 179 23.36 24.50 -26.93
C GLU B 179 22.75 23.95 -25.66
N TYR B 180 23.12 24.55 -24.54
CA TYR B 180 22.60 24.14 -23.25
C TYR B 180 22.21 25.36 -22.42
N ILE B 181 21.01 25.35 -21.87
CA ILE B 181 20.61 26.33 -20.85
C ILE B 181 20.15 25.59 -19.60
N ALA B 182 20.76 25.95 -18.47
CA ALA B 182 20.36 25.44 -17.16
C ALA B 182 19.50 26.44 -16.44
N VAL B 183 18.43 25.95 -15.83
CA VAL B 183 17.59 26.74 -14.95
C VAL B 183 17.82 26.08 -13.62
N GLU B 184 18.76 26.61 -12.85
CA GLU B 184 19.31 25.85 -11.73
C GLU B 184 19.41 26.58 -10.41
N GLY B 185 19.34 25.80 -9.33
CA GLY B 185 19.59 26.31 -7.98
C GLY B 185 18.36 26.78 -7.23
N MET B 186 17.16 26.55 -7.81
CA MET B 186 15.90 27.03 -7.23
C MET B 186 15.62 26.41 -5.88
N ASN B 187 15.96 25.13 -5.73
CA ASN B 187 15.72 24.42 -4.48
C ASN B 187 16.83 24.71 -3.48
N ALA B 188 18.06 24.88 -3.95
CA ALA B 188 19.14 25.36 -3.07
C ALA B 188 18.90 26.77 -2.54
N ASN B 189 18.13 27.58 -3.26
CA ASN B 189 17.95 28.99 -2.91
C ASN B 189 16.54 29.45 -3.32
N PRO B 190 15.51 28.98 -2.59
CA PRO B 190 14.11 29.22 -2.96
C PRO B 190 13.68 30.70 -3.02
N GLU B 191 14.38 31.60 -2.32
CA GLU B 191 14.02 33.04 -2.32
C GLU B 191 14.60 33.72 -3.59
N LYS B 192 15.57 33.07 -4.22
CA LYS B 192 16.18 33.53 -5.47
C LYS B 192 15.51 32.87 -6.72
N ALA B 193 14.52 32.01 -6.51
CA ALA B 193 13.96 31.23 -7.61
C ALA B 193 13.33 32.07 -8.73
N GLN B 194 12.69 33.18 -8.40
CA GLN B 194 12.05 34.06 -9.40
C GLN B 194 13.14 34.76 -10.23
N GLU B 195 14.22 35.18 -9.57
CA GLU B 195 15.34 35.79 -10.25
C GLU B 195 16.06 34.80 -11.15
N ILE B 196 16.21 33.55 -10.69
CA ILE B 196 16.90 32.52 -11.45
C ILE B 196 16.11 32.25 -12.71
N LYS B 197 14.79 32.18 -12.57
CA LYS B 197 13.92 31.94 -13.70
C LYS B 197 13.96 33.08 -14.73
N GLU B 198 13.87 34.32 -14.26
CA GLU B 198 13.91 35.49 -15.17
C GLU B 198 15.25 35.60 -15.89
N ALA B 199 16.34 35.28 -15.22
CA ALA B 199 17.66 35.34 -15.85
C ALA B 199 17.79 34.27 -16.95
N ALA B 200 17.18 33.11 -16.69
CA ALA B 200 17.16 32.02 -17.66
C ALA B 200 16.22 32.34 -18.83
N ILE B 201 15.12 32.98 -18.53
CA ILE B 201 14.23 33.48 -19.56
C ILE B 201 14.96 34.46 -20.45
N ALA B 202 15.68 35.41 -19.88
CA ALA B 202 16.44 36.37 -20.68
C ALA B 202 17.51 35.70 -21.51
N ASN B 203 18.19 34.71 -20.94
CA ASN B 203 19.21 33.98 -21.68
C ASN B 203 18.57 33.24 -22.87
N ALA B 204 17.41 32.62 -22.64
CA ALA B 204 16.69 31.93 -23.73
C ALA B 204 16.25 32.88 -24.84
N ARG B 205 15.78 34.05 -24.47
CA ARG B 205 15.34 35.01 -25.46
C ARG B 205 16.46 35.51 -26.34
N GLU B 206 17.62 35.72 -25.77
CA GLU B 206 18.79 36.13 -26.55
C GLU B 206 19.26 35.00 -27.47
N LEU B 207 19.31 33.78 -26.96
CA LEU B 207 19.68 32.63 -27.78
C LEU B 207 18.72 32.41 -28.93
N ALA B 208 17.43 32.69 -28.71
CA ALA B 208 16.45 32.54 -29.79
C ALA B 208 16.75 33.41 -31.02
N LYS B 209 17.39 34.55 -30.82
CA LYS B 209 17.76 35.41 -31.94
C LYS B 209 18.95 34.92 -32.71
N ARG B 210 19.70 33.94 -32.18
CA ARG B 210 20.84 33.39 -32.95
C ARG B 210 20.77 31.90 -33.19
N PHE B 211 19.70 31.24 -32.74
CA PHE B 211 19.57 29.83 -32.92
C PHE B 211 18.86 29.90 -34.27
N THR C 2 12.83 2.28 18.30
CA THR C 2 11.59 1.65 18.75
C THR C 2 10.37 2.50 18.37
N LYS C 3 9.47 1.90 17.62
CA LYS C 3 8.28 2.58 17.17
C LYS C 3 7.10 2.03 17.95
N VAL C 4 6.36 2.94 18.57
CA VAL C 4 5.20 2.64 19.38
C VAL C 4 3.92 3.14 18.70
N LEU C 5 2.90 2.30 18.63
CA LEU C 5 1.55 2.76 18.25
C LEU C 5 0.69 2.95 19.48
N PHE C 6 0.18 4.16 19.68
CA PHE C 6 -0.76 4.45 20.74
C PHE C 6 -2.14 4.42 20.09
N ILE C 7 -2.83 3.29 20.25
CA ILE C 7 -4.13 3.04 19.59
C ILE C 7 -5.27 3.27 20.56
N THR C 8 -6.05 4.32 20.36
CA THR C 8 -7.15 4.62 21.25
C THR C 8 -8.50 4.36 20.59
N ALA C 9 -9.45 3.85 21.40
CA ALA C 9 -10.83 3.63 20.97
C ALA C 9 -11.79 4.22 21.98
N ASN C 10 -11.70 5.52 22.17
CA ASN C 10 -12.62 6.19 23.07
C ASN C 10 -13.03 7.50 22.45
N PRO C 11 -14.33 7.72 22.30
CA PRO C 11 -14.79 8.97 21.67
C PRO C 11 -14.51 10.24 22.50
N ASN C 12 -14.16 10.06 23.76
CA ASN C 12 -13.76 11.15 24.61
C ASN C 12 -12.24 11.23 24.76
N SER C 13 -11.78 12.43 25.11
CA SER C 13 -10.37 12.70 25.31
C SER C 13 -10.01 12.35 26.75
N ALA C 14 -8.74 12.58 27.10
CA ALA C 14 -8.25 12.36 28.47
C ALA C 14 -8.99 13.19 29.52
N GLU C 15 -9.65 14.27 29.14
CA GLU C 15 -10.39 15.07 30.14
C GLU C 15 -11.76 14.48 30.52
N GLY C 16 -12.31 13.61 29.69
CA GLY C 16 -13.58 12.97 30.01
C GLY C 16 -13.59 11.44 29.99
N SER C 17 -12.43 10.82 29.91
CA SER C 17 -12.34 9.37 29.91
C SER C 17 -11.27 8.90 30.89
N PHE C 18 -11.65 7.91 31.70
CA PHE C 18 -10.77 7.34 32.70
C PHE C 18 -9.63 6.59 32.01
N GLY C 19 -9.97 5.78 31.01
CA GLY C 19 -8.95 5.05 30.24
C GLY C 19 -7.97 6.00 29.56
N MET C 20 -8.48 7.03 28.90
CA MET C 20 -7.64 7.96 28.19
C MET C 20 -6.72 8.76 29.13
N ALA C 21 -7.21 9.13 30.32
CA ALA C 21 -6.37 9.76 31.35
C ALA C 21 -5.15 8.89 31.70
N VAL C 22 -5.42 7.62 31.98
CA VAL C 22 -4.36 6.68 32.31
C VAL C 22 -3.43 6.37 31.14
N GLY C 23 -4.00 6.20 29.95
CA GLY C 23 -3.20 5.98 28.72
C GLY C 23 -2.30 7.17 28.40
N GLU C 24 -2.80 8.39 28.56
CA GLU C 24 -1.99 9.59 28.39
C GLU C 24 -0.84 9.63 29.41
N ALA C 25 -1.14 9.29 30.66
CA ALA C 25 -0.11 9.25 31.67
C ALA C 25 0.92 8.18 31.31
N PHE C 26 0.48 7.02 30.83
CA PHE C 26 1.44 5.99 30.43
C PHE C 26 2.38 6.47 29.32
N ILE C 27 1.76 6.95 28.26
CA ILE C 27 2.47 7.27 27.05
C ILE C 27 3.40 8.45 27.25
N GLU C 28 3.00 9.47 28.02
CA GLU C 28 3.91 10.59 28.26
C GLU C 28 5.09 10.18 29.17
N ALA C 29 4.85 9.30 30.14
CA ALA C 29 5.91 8.77 31.00
C ALA C 29 6.85 7.92 30.15
N TYR C 30 6.28 7.13 29.27
CA TYR C 30 7.10 6.33 28.37
C TYR C 30 7.98 7.21 27.44
N LYS C 31 7.44 8.28 26.86
CA LYS C 31 8.27 9.15 26.01
C LYS C 31 9.39 9.81 26.77
N ASN C 32 9.10 10.26 28.00
CA ASN C 32 10.09 10.86 28.87
C ASN C 32 11.24 9.87 29.20
N GLU C 33 10.90 8.62 29.39
CA GLU C 33 11.85 7.56 29.67
C GLU C 33 12.64 7.18 28.40
N HIS C 34 12.01 7.25 27.23
CA HIS C 34 12.67 6.91 25.95
C HIS C 34 12.50 8.01 24.91
N PRO C 35 13.27 9.11 25.06
CA PRO C 35 13.11 10.30 24.22
C PRO C 35 13.33 10.05 22.73
N GLN C 36 14.10 9.03 22.39
CA GLN C 36 14.38 8.77 21.00
C GLN C 36 13.32 7.90 20.33
N ASP C 37 12.41 7.32 21.10
CA ASP C 37 11.38 6.46 20.53
C ASP C 37 10.32 7.28 19.80
N GLU C 38 9.79 6.71 18.72
CA GLU C 38 8.76 7.38 17.92
C GLU C 38 7.42 6.80 18.36
N VAL C 39 6.46 7.67 18.61
CA VAL C 39 5.13 7.31 19.08
C VAL C 39 4.10 7.94 18.16
N VAL C 40 3.29 7.10 17.52
CA VAL C 40 2.24 7.54 16.63
C VAL C 40 0.91 7.19 17.28
N THR C 41 -0.01 8.14 17.26
CA THR C 41 -1.34 7.95 17.80
C THR C 41 -2.28 7.57 16.67
N ILE C 42 -2.97 6.45 16.86
CA ILE C 42 -4.04 6.06 15.98
C ILE C 42 -5.34 6.07 16.75
N ASP C 43 -6.10 7.15 16.58
CA ASP C 43 -7.42 7.29 17.15
C ASP C 43 -8.40 6.57 16.20
N LEU C 44 -8.92 5.42 16.66
CA LEU C 44 -9.80 4.58 15.87
C LEU C 44 -11.14 5.22 15.54
N PHE C 45 -11.55 6.21 16.33
CA PHE C 45 -12.75 7.00 16.03
C PHE C 45 -12.52 8.06 14.97
N ASN C 46 -11.28 8.26 14.53
CA ASN C 46 -10.96 9.22 13.45
C ASN C 46 -9.92 8.64 12.52
N THR C 47 -9.99 7.35 12.29
CA THR C 47 -9.12 6.67 11.32
C THR C 47 -10.05 5.83 10.45
N THR C 48 -9.76 5.74 9.16
CA THR C 48 -10.58 4.92 8.32
C THR C 48 -10.11 3.48 8.56
N VAL C 49 -11.05 2.66 9.01
CA VAL C 49 -10.84 1.30 9.36
C VAL C 49 -11.97 0.54 8.69
N PRO C 50 -11.79 0.17 7.40
CA PRO C 50 -12.84 -0.49 6.64
C PRO C 50 -13.25 -1.81 7.28
N ALA C 51 -14.57 -1.95 7.48
CA ALA C 51 -15.15 -3.21 7.88
C ALA C 51 -15.00 -4.16 6.73
N ILE C 52 -14.79 -5.44 7.00
CA ILE C 52 -14.86 -6.46 5.96
C ILE C 52 -16.31 -6.55 5.52
N ASP C 53 -16.55 -6.32 4.23
CA ASP C 53 -17.90 -6.36 3.66
C ASP C 53 -17.85 -7.00 2.27
N ALA C 54 -18.93 -6.89 1.49
CA ALA C 54 -19.03 -7.51 0.16
C ALA C 54 -17.94 -6.99 -0.78
N ASP C 55 -17.67 -5.69 -0.69
CA ASP C 55 -16.59 -5.12 -1.49
C ASP C 55 -15.25 -5.76 -1.14
N VAL C 56 -14.98 -5.93 0.15
CA VAL C 56 -13.72 -6.52 0.51
C VAL C 56 -13.65 -7.97 0.02
N PHE C 57 -14.70 -8.76 0.25
CA PHE C 57 -14.69 -10.15 -0.21
C PHE C 57 -14.53 -10.23 -1.73
N ALA C 58 -15.22 -9.35 -2.46
CA ALA C 58 -15.04 -9.30 -3.90
C ALA C 58 -13.56 -8.98 -4.25
N ALA C 59 -12.99 -7.98 -3.60
CA ALA C 59 -11.58 -7.63 -3.82
C ALA C 59 -10.66 -8.82 -3.56
N TRP C 60 -10.84 -9.48 -2.41
CA TRP C 60 -10.06 -10.69 -2.10
C TRP C 60 -10.21 -11.81 -3.12
N GLY C 61 -11.40 -11.95 -3.70
CA GLY C 61 -11.67 -12.97 -4.71
C GLY C 61 -10.86 -12.72 -5.96
N LYS C 62 -10.78 -11.45 -6.35
CA LYS C 62 -9.92 -11.06 -7.46
C LYS C 62 -8.43 -11.29 -7.20
N PHE C 63 -7.95 -11.02 -6.00
CA PHE C 63 -6.55 -11.28 -5.67
C PHE C 63 -6.27 -12.77 -5.67
N ALA C 64 -7.26 -13.56 -5.26
CA ALA C 64 -7.14 -15.04 -5.23
C ALA C 64 -7.19 -15.62 -6.62
N ALA C 65 -7.81 -14.90 -7.55
CA ALA C 65 -7.83 -15.28 -8.95
C ALA C 65 -6.58 -14.82 -9.67
N GLY C 66 -5.64 -14.23 -8.93
CA GLY C 66 -4.39 -13.74 -9.53
C GLY C 66 -4.47 -12.34 -10.12
N GLU C 67 -5.64 -11.71 -10.09
CA GLU C 67 -5.80 -10.36 -10.63
C GLU C 67 -5.14 -9.31 -9.76
N GLY C 68 -4.92 -8.14 -10.33
CA GLY C 68 -4.24 -7.06 -9.62
C GLY C 68 -5.19 -5.98 -9.16
N PHE C 69 -4.61 -4.98 -8.49
CA PHE C 69 -5.32 -3.83 -7.90
C PHE C 69 -6.25 -3.10 -8.88
N GLU C 70 -5.88 -3.08 -10.15
CA GLU C 70 -6.70 -2.39 -11.16
C GLU C 70 -7.96 -3.14 -11.58
N ALA C 71 -8.08 -4.39 -11.15
CA ALA C 71 -9.30 -5.15 -11.35
C ALA C 71 -10.40 -4.70 -10.39
N LEU C 72 -10.04 -4.01 -9.31
CA LEU C 72 -11.03 -3.55 -8.34
C LEU C 72 -11.79 -2.32 -8.83
N THR C 73 -13.02 -2.18 -8.37
CA THR C 73 -13.75 -0.92 -8.50
C THR C 73 -13.07 0.16 -7.63
N GLU C 74 -13.43 1.40 -7.85
CA GLU C 74 -12.86 2.46 -7.06
C GLU C 74 -13.09 2.28 -5.55
N VAL C 75 -14.31 1.95 -5.16
CA VAL C 75 -14.64 1.81 -3.74
C VAL C 75 -13.82 0.67 -3.14
N GLN C 76 -13.67 -0.41 -3.89
CA GLN C 76 -12.88 -1.55 -3.43
C GLN C 76 -11.42 -1.18 -3.23
N GLN C 77 -10.86 -0.43 -4.18
CA GLN C 77 -9.53 0.11 -4.08
C GLN C 77 -9.34 0.97 -2.83
N GLN C 78 -10.30 1.83 -2.53
CA GLN C 78 -10.20 2.70 -1.36
C GLN C 78 -10.16 1.86 -0.09
N LYS C 79 -11.05 0.87 0.00
CA LYS C 79 -11.17 0.03 1.18
C LYS C 79 -9.94 -0.83 1.38
N VAL C 80 -9.46 -1.47 0.32
CA VAL C 80 -8.29 -2.28 0.43
C VAL C 80 -7.04 -1.41 0.67
N ALA C 81 -6.95 -0.21 0.10
CA ALA C 81 -5.80 0.65 0.39
C ALA C 81 -5.76 1.08 1.86
N ALA C 82 -6.90 1.47 2.42
CA ALA C 82 -6.96 1.84 3.84
C ALA C 82 -6.65 0.64 4.75
N MET C 83 -7.08 -0.57 4.34
CA MET C 83 -6.78 -1.81 5.09
C MET C 83 -5.29 -2.12 5.06
N ASN C 84 -4.68 -1.95 3.90
CA ASN C 84 -3.24 -2.19 3.76
C ASN C 84 -2.41 -1.20 4.57
N THR C 85 -2.83 0.05 4.59
CA THR C 85 -2.16 1.08 5.39
C THR C 85 -2.17 0.68 6.88
N ASN C 86 -3.35 0.37 7.42
CA ASN C 86 -3.44 -0.04 8.83
C ASN C 86 -2.61 -1.25 9.13
N LEU C 87 -2.58 -2.21 8.19
CA LEU C 87 -1.83 -3.44 8.39
C LEU C 87 -0.35 -3.16 8.40
N GLU C 88 0.11 -2.38 7.43
CA GLU C 88 1.54 -2.07 7.28
C GLU C 88 2.00 -1.31 8.52
N THR C 89 1.24 -0.30 8.94
CA THR C 89 1.59 0.48 10.10
C THR C 89 1.75 -0.42 11.30
N PHE C 90 0.84 -1.39 11.44
CA PHE C 90 0.86 -2.32 12.58
C PHE C 90 2.05 -3.28 12.55
N MET C 91 2.29 -3.90 11.39
CA MET C 91 3.43 -4.82 11.22
C MET C 91 4.80 -4.17 11.47
N ASN C 92 4.94 -2.89 11.13
CA ASN C 92 6.23 -2.23 11.24
C ASN C 92 6.54 -1.61 12.60
N ALA C 93 5.53 -1.46 13.45
CA ALA C 93 5.77 -0.96 14.80
C ALA C 93 6.29 -2.08 15.71
N ASP C 94 6.98 -1.69 16.76
CA ASP C 94 7.55 -2.65 17.73
C ASP C 94 6.69 -2.81 19.00
N ARG C 95 5.86 -1.83 19.29
CA ARG C 95 5.09 -1.81 20.54
C ARG C 95 3.71 -1.26 20.27
N TYR C 96 2.70 -1.86 20.91
CA TYR C 96 1.30 -1.44 20.78
C TYR C 96 0.71 -1.13 22.13
N VAL C 97 0.09 0.02 22.27
CA VAL C 97 -0.64 0.34 23.44
C VAL C 97 -2.10 0.52 22.99
N PHE C 98 -3.02 -0.28 23.56
CA PHE C 98 -4.45 -0.14 23.27
C PHE C 98 -5.20 0.52 24.46
N VAL C 99 -6.04 1.53 24.19
CA VAL C 99 -6.89 2.12 25.23
C VAL C 99 -8.36 1.97 24.89
N THR C 100 -9.10 1.24 25.74
CA THR C 100 -10.51 0.96 25.48
C THR C 100 -11.34 1.06 26.72
N PRO C 101 -12.60 1.49 26.58
CA PRO C 101 -13.58 1.36 27.61
C PRO C 101 -14.32 0.04 27.47
N MET C 102 -14.91 -0.47 28.55
CA MET C 102 -15.83 -1.61 28.44
C MET C 102 -17.25 -1.15 28.19
N TRP C 103 -17.80 -1.53 27.03
CA TRP C 103 -19.20 -1.30 26.70
C TRP C 103 -19.86 -2.64 26.48
N ASN C 104 -20.83 -2.94 27.33
CA ASN C 104 -21.55 -4.19 27.27
C ASN C 104 -20.62 -5.40 27.18
N PHE C 105 -19.74 -5.46 28.20
CA PHE C 105 -18.83 -6.58 28.41
C PHE C 105 -17.78 -6.80 27.32
N SER C 106 -17.60 -5.81 26.45
CA SER C 106 -16.55 -5.86 25.44
C SER C 106 -16.12 -4.44 25.03
N TYR C 107 -15.34 -4.33 23.96
CA TYR C 107 -14.78 -3.08 23.48
C TYR C 107 -15.68 -2.43 22.39
N PRO C 108 -15.36 -1.21 21.94
CA PRO C 108 -16.14 -0.62 20.86
C PRO C 108 -15.95 -1.42 19.59
N PRO C 109 -16.99 -1.52 18.78
CA PRO C 109 -16.93 -2.24 17.50
C PRO C 109 -15.69 -1.98 16.65
N VAL C 110 -15.23 -0.73 16.61
CA VAL C 110 -14.08 -0.37 15.80
C VAL C 110 -12.78 -1.08 16.24
N VAL C 111 -12.71 -1.59 17.47
CA VAL C 111 -11.55 -2.37 17.86
C VAL C 111 -11.55 -3.66 17.07
N LYS C 112 -12.73 -4.24 16.90
CA LYS C 112 -12.84 -5.50 16.16
C LYS C 112 -12.52 -5.23 14.71
N ALA C 113 -13.01 -4.10 14.19
CA ALA C 113 -12.74 -3.74 12.79
C ALA C 113 -11.24 -3.59 12.58
N TYR C 114 -10.57 -3.03 13.58
CA TYR C 114 -9.12 -2.87 13.51
C TYR C 114 -8.40 -4.23 13.53
N LEU C 115 -8.83 -5.12 14.42
CA LEU C 115 -8.20 -6.45 14.49
C LEU C 115 -8.44 -7.21 13.17
N ASP C 116 -9.60 -7.00 12.56
CA ASP C 116 -9.88 -7.63 11.28
C ASP C 116 -9.01 -7.03 10.17
N ASN C 117 -8.55 -5.78 10.33
CA ASN C 117 -7.54 -5.24 9.40
C ASN C 117 -6.12 -5.81 9.62
N VAL C 118 -5.76 -6.15 10.86
CA VAL C 118 -4.34 -6.47 11.17
C VAL C 118 -4.01 -7.98 11.24
N ALA C 119 -5.04 -8.80 11.30
CA ALA C 119 -4.88 -10.24 11.30
C ALA C 119 -5.15 -10.74 9.89
N ILE C 120 -4.07 -10.95 9.13
CA ILE C 120 -4.15 -11.24 7.70
C ILE C 120 -3.20 -12.40 7.33
N ALA C 121 -3.75 -13.40 6.63
CA ALA C 121 -2.99 -14.60 6.21
C ALA C 121 -1.82 -14.27 5.30
N GLY C 122 -0.67 -14.85 5.61
CA GLY C 122 0.54 -14.59 4.86
C GLY C 122 1.21 -13.29 5.24
N LYS C 123 0.64 -12.52 6.16
CA LYS C 123 1.26 -11.27 6.61
C LYS C 123 1.52 -11.32 8.10
N THR C 124 0.49 -11.59 8.89
CA THR C 124 0.63 -11.61 10.34
C THR C 124 0.36 -12.96 10.98
N PHE C 125 -0.10 -13.91 10.20
CA PHE C 125 -0.12 -15.31 10.63
C PHE C 125 -0.06 -16.18 9.39
N LYS C 126 0.26 -17.46 9.57
CA LYS C 126 0.31 -18.39 8.44
C LYS C 126 -0.31 -19.71 8.88
N TYR C 127 -0.71 -20.52 7.91
CA TYR C 127 -1.32 -21.81 8.17
C TYR C 127 -0.24 -22.86 8.35
N THR C 128 -0.43 -23.75 9.32
CA THR C 128 0.58 -24.74 9.71
C THR C 128 -0.10 -26.13 9.85
N GLU C 129 0.68 -27.21 9.73
CA GLU C 129 0.28 -28.59 10.10
C GLU C 129 -0.63 -28.58 11.36
N ASN C 130 -0.07 -28.13 12.49
CA ASN C 130 -0.78 -28.09 13.79
C ASN C 130 -1.85 -27.04 13.88
N GLY C 131 -1.80 -26.03 13.01
CA GLY C 131 -2.78 -24.96 13.01
C GLY C 131 -2.08 -23.63 12.78
N PRO C 132 -2.85 -22.53 12.70
CA PRO C 132 -2.24 -21.22 12.42
C PRO C 132 -1.28 -20.74 13.51
N VAL C 133 -0.25 -20.01 13.11
CA VAL C 133 0.69 -19.39 14.06
C VAL C 133 1.07 -18.00 13.58
N GLY C 134 1.49 -17.17 14.54
CA GLY C 134 1.77 -15.78 14.25
C GLY C 134 3.05 -15.62 13.46
N LEU C 135 3.15 -14.54 12.70
CA LEU C 135 4.35 -14.20 11.94
C LEU C 135 5.12 -13.04 12.57
N LEU C 136 4.49 -12.35 13.50
CA LEU C 136 5.14 -11.22 14.15
C LEU C 136 6.05 -11.68 15.27
N GLU C 137 7.27 -11.16 15.28
CA GLU C 137 8.24 -11.39 16.39
C GLU C 137 8.75 -10.03 16.88
N GLY C 138 9.34 -10.04 18.08
CA GLY C 138 9.88 -8.82 18.68
C GLY C 138 8.87 -7.75 19.15
N LYS C 139 7.62 -8.13 19.36
CA LYS C 139 6.58 -7.17 19.68
C LYS C 139 6.17 -7.28 21.13
N LYS C 140 5.59 -6.19 21.62
CA LYS C 140 5.08 -6.14 22.99
C LYS C 140 3.83 -5.27 22.98
N ALA C 141 2.80 -5.64 23.76
CA ALA C 141 1.58 -4.86 23.82
C ALA C 141 1.17 -4.52 25.24
N LEU C 142 0.44 -3.41 25.39
CA LEU C 142 -0.23 -3.08 26.65
C LEU C 142 -1.68 -2.78 26.32
N HIS C 143 -2.58 -3.35 27.10
CA HIS C 143 -3.99 -2.98 27.05
C HIS C 143 -4.39 -2.26 28.36
N ILE C 144 -4.90 -1.05 28.21
CA ILE C 144 -5.48 -0.29 29.32
C ILE C 144 -6.98 -0.28 29.09
N GLN C 145 -7.74 -0.81 30.03
CA GLN C 145 -9.17 -0.88 29.88
C GLN C 145 -9.80 -0.25 31.08
N ALA C 146 -10.75 0.65 30.85
CA ALA C 146 -11.59 1.21 31.92
C ALA C 146 -12.95 0.53 31.95
N THR C 147 -13.41 0.20 33.16
CA THR C 147 -14.67 -0.54 33.34
C THR C 147 -15.40 -0.02 34.58
N GLY C 148 -16.72 0.05 34.49
CA GLY C 148 -17.55 0.49 35.62
C GLY C 148 -17.44 -0.46 36.80
N GLY C 149 -17.58 -1.74 36.51
CA GLY C 149 -17.45 -2.77 37.52
C GLY C 149 -16.01 -3.22 37.71
N VAL C 150 -15.84 -4.33 38.38
CA VAL C 150 -14.55 -4.96 38.63
C VAL C 150 -14.49 -6.35 37.98
N TYR C 151 -13.59 -6.54 37.01
CA TYR C 151 -13.45 -7.78 36.23
C TYR C 151 -12.04 -8.34 36.22
N SER C 152 -11.07 -7.66 36.79
CA SER C 152 -9.65 -7.96 36.52
C SER C 152 -9.21 -9.28 37.09
N GLU C 153 -9.90 -9.74 38.12
CA GLU C 153 -9.52 -10.98 38.78
C GLU C 153 -10.78 -11.59 39.35
N GLY C 154 -10.77 -12.89 39.63
CA GLY C 154 -11.95 -13.53 40.20
C GLY C 154 -12.99 -13.89 39.15
N ALA C 155 -14.20 -14.20 39.60
CA ALA C 155 -15.19 -14.86 38.76
C ALA C 155 -15.60 -14.05 37.53
N TYR C 156 -15.64 -12.73 37.68
CA TYR C 156 -16.10 -11.85 36.62
C TYR C 156 -15.07 -11.70 35.50
N ALA C 157 -13.84 -12.14 35.73
CA ALA C 157 -12.84 -12.20 34.64
C ALA C 157 -13.36 -12.95 33.42
N ALA C 158 -14.24 -13.94 33.64
CA ALA C 158 -14.81 -14.76 32.57
C ALA C 158 -15.66 -13.97 31.58
N VAL C 159 -16.17 -12.81 32.01
CA VAL C 159 -16.98 -11.99 31.10
C VAL C 159 -16.25 -10.72 30.66
N ASP C 160 -14.95 -10.65 30.91
CA ASP C 160 -14.15 -9.54 30.41
C ASP C 160 -13.76 -9.81 28.95
N PHE C 161 -14.73 -9.80 28.05
CA PHE C 161 -14.54 -10.29 26.69
C PHE C 161 -13.64 -9.42 25.81
N GLY C 162 -13.65 -8.11 26.06
CA GLY C 162 -12.79 -7.20 25.32
C GLY C 162 -11.32 -7.43 25.63
N ARG C 163 -11.02 -7.47 26.91
CA ARG C 163 -9.69 -7.85 27.32
C ARG C 163 -9.25 -9.20 26.71
N ASN C 164 -10.07 -10.23 26.92
CA ASN C 164 -9.66 -11.58 26.63
C ASN C 164 -9.58 -11.84 25.10
N HIS C 165 -10.51 -11.27 24.33
CA HIS C 165 -10.48 -11.44 22.89
C HIS C 165 -9.26 -10.71 22.31
N LEU C 166 -9.02 -9.50 22.79
CA LEU C 166 -7.90 -8.71 22.32
C LEU C 166 -6.55 -9.42 22.55
N LYS C 167 -6.35 -9.96 23.76
CA LYS C 167 -5.11 -10.69 24.12
C LYS C 167 -5.03 -11.92 23.23
N THR C 168 -6.15 -12.60 23.00
CA THR C 168 -6.13 -13.76 22.15
C THR C 168 -5.67 -13.43 20.72
N VAL C 169 -6.24 -12.37 20.12
CA VAL C 169 -5.85 -12.06 18.76
C VAL C 169 -4.39 -11.61 18.70
N LEU C 170 -3.97 -10.76 19.62
CA LEU C 170 -2.58 -10.37 19.66
C LEU C 170 -1.66 -11.61 19.73
N GLY C 171 -1.99 -12.56 20.57
CA GLY C 171 -1.22 -13.78 20.68
C GLY C 171 -1.20 -14.57 19.41
N PHE C 172 -2.34 -14.58 18.75
CA PHE C 172 -2.49 -15.36 17.57
C PHE C 172 -1.56 -14.84 16.46
N VAL C 173 -1.41 -13.52 16.39
CA VAL C 173 -0.53 -12.91 15.38
C VAL C 173 0.93 -12.87 15.83
N GLY C 174 1.23 -13.38 17.03
CA GLY C 174 2.59 -13.55 17.48
C GLY C 174 3.06 -12.58 18.55
N VAL C 175 2.19 -11.67 18.98
CA VAL C 175 2.50 -10.80 20.12
C VAL C 175 2.05 -11.49 21.39
N ASN C 176 2.90 -12.31 21.98
CA ASN C 176 2.52 -13.03 23.21
C ASN C 176 2.90 -12.30 24.51
N ASP C 177 3.77 -11.28 24.39
CA ASP C 177 4.13 -10.45 25.50
C ASP C 177 3.15 -9.29 25.64
N THR C 178 2.17 -9.44 26.53
CA THR C 178 1.17 -8.38 26.72
C THR C 178 0.94 -8.01 28.16
N GLU C 179 0.74 -6.73 28.42
CA GLU C 179 0.53 -6.24 29.77
C GLU C 179 -0.87 -5.75 29.82
N TYR C 180 -1.40 -5.67 31.03
CA TYR C 180 -2.74 -5.21 31.24
C TYR C 180 -2.87 -4.30 32.44
N ILE C 181 -3.55 -3.18 32.26
CA ILE C 181 -3.92 -2.30 33.35
C ILE C 181 -5.40 -2.04 33.31
N ALA C 182 -6.05 -2.29 34.42
CA ALA C 182 -7.45 -2.01 34.56
C ALA C 182 -7.64 -0.72 35.35
N VAL C 183 -8.57 0.10 34.88
CA VAL C 183 -9.06 1.27 35.62
C VAL C 183 -10.50 0.93 35.94
N GLU C 184 -10.72 0.38 37.14
CA GLU C 184 -11.96 -0.35 37.41
C GLU C 184 -12.66 0.00 38.70
N GLY C 185 -13.99 -0.17 38.67
CA GLY C 185 -14.82 -0.02 39.86
C GLY C 185 -15.37 1.37 40.10
N MET C 186 -15.19 2.28 39.15
CA MET C 186 -15.60 3.70 39.31
C MET C 186 -17.11 3.84 39.43
N ASN C 187 -17.83 3.00 38.70
CA ASN C 187 -19.29 3.04 38.75
C ASN C 187 -19.81 2.28 39.96
N ALA C 188 -19.15 1.20 40.35
CA ALA C 188 -19.47 0.53 41.62
C ALA C 188 -19.20 1.40 42.84
N ASN C 189 -18.31 2.37 42.73
CA ASN C 189 -17.91 3.17 43.88
C ASN C 189 -17.53 4.58 43.43
N PRO C 190 -18.55 5.39 43.05
CA PRO C 190 -18.31 6.71 42.44
C PRO C 190 -17.57 7.74 43.31
N GLU C 191 -17.57 7.58 44.62
CA GLU C 191 -16.88 8.55 45.51
C GLU C 191 -15.40 8.19 45.57
N LYS C 192 -15.05 6.95 45.19
CA LYS C 192 -13.66 6.47 45.14
C LYS C 192 -13.03 6.64 43.72
N ALA C 193 -13.80 7.18 42.78
CA ALA C 193 -13.39 7.22 41.40
C ALA C 193 -12.11 8.02 41.14
N GLN C 194 -11.89 9.11 41.89
CA GLN C 194 -10.66 9.90 41.72
C GLN C 194 -9.45 9.14 42.30
N GLU C 195 -9.63 8.41 43.41
CA GLU C 195 -8.53 7.59 43.96
C GLU C 195 -8.25 6.38 43.10
N ILE C 196 -9.27 5.80 42.47
CA ILE C 196 -9.06 4.68 41.56
C ILE C 196 -8.23 5.16 40.37
N LYS C 197 -8.57 6.33 39.86
CA LYS C 197 -7.89 6.87 38.70
C LYS C 197 -6.44 7.17 39.02
N GLU C 198 -6.19 7.83 40.14
CA GLU C 198 -4.82 8.16 40.53
C GLU C 198 -3.96 6.93 40.78
N ALA C 199 -4.54 5.88 41.33
CA ALA C 199 -3.82 4.64 41.56
C ALA C 199 -3.45 3.95 40.23
N ALA C 200 -4.36 4.06 39.26
CA ALA C 200 -4.13 3.54 37.91
C ALA C 200 -3.10 4.42 37.15
N ILE C 201 -3.18 5.72 37.34
CA ILE C 201 -2.16 6.61 36.83
C ILE C 201 -0.79 6.22 37.38
N ALA C 202 -0.69 6.01 38.68
CA ALA C 202 0.60 5.64 39.27
C ALA C 202 1.10 4.31 38.74
N ASN C 203 0.20 3.34 38.58
CA ASN C 203 0.55 2.03 38.08
C ASN C 203 1.08 2.17 36.65
N ALA C 204 0.42 3.00 35.84
CA ALA C 204 0.87 3.25 34.47
C ALA C 204 2.24 3.91 34.39
N ARG C 205 2.48 4.88 35.26
CA ARG C 205 3.78 5.53 35.31
C ARG C 205 4.95 4.62 35.71
N GLU C 206 4.73 3.70 36.62
CA GLU C 206 5.72 2.70 36.98
C GLU C 206 5.96 1.70 35.86
N LEU C 207 4.88 1.22 35.25
CA LEU C 207 5.02 0.29 34.10
C LEU C 207 5.80 0.94 32.97
N ALA C 208 5.63 2.24 32.78
CA ALA C 208 6.30 2.94 31.67
C ALA C 208 7.84 2.83 31.80
N LYS C 209 8.31 2.71 33.03
CA LYS C 209 9.75 2.56 33.28
C LYS C 209 10.26 1.19 33.02
N ARG C 210 9.39 0.21 32.84
CA ARG C 210 9.86 -1.12 32.46
C ARG C 210 9.32 -1.66 31.13
N PHE C 211 8.55 -0.88 30.38
CA PHE C 211 7.88 -1.42 29.21
C PHE C 211 8.72 -1.51 27.95
N THR D 2 -46.49 -14.46 17.41
CA THR D 2 -45.03 -14.56 17.66
C THR D 2 -44.22 -13.86 16.56
N LYS D 3 -43.42 -12.87 16.97
CA LYS D 3 -42.60 -12.14 16.05
C LYS D 3 -41.15 -12.58 16.21
N VAL D 4 -40.55 -13.00 15.11
CA VAL D 4 -39.16 -13.46 15.05
C VAL D 4 -38.27 -12.52 14.25
N LEU D 5 -37.12 -12.18 14.79
CA LEU D 5 -36.13 -11.41 14.07
C LEU D 5 -35.05 -12.33 13.60
N PHE D 6 -34.85 -12.36 12.27
CA PHE D 6 -33.77 -13.14 11.65
C PHE D 6 -32.65 -12.16 11.37
N ILE D 7 -31.68 -12.10 12.29
CA ILE D 7 -30.61 -11.11 12.28
C ILE D 7 -29.33 -11.72 11.72
N THR D 8 -28.93 -11.31 10.51
CA THR D 8 -27.77 -11.86 9.83
C THR D 8 -26.64 -10.87 9.77
N ALA D 9 -25.42 -11.38 9.95
CA ALA D 9 -24.23 -10.58 9.88
C ALA D 9 -23.24 -11.32 8.99
N ASN D 10 -23.61 -11.52 7.75
CA ASN D 10 -22.72 -12.12 6.82
C ASN D 10 -22.88 -11.39 5.49
N PRO D 11 -21.77 -10.84 4.96
CA PRO D 11 -21.85 -10.11 3.69
C PRO D 11 -22.20 -11.02 2.47
N ASN D 12 -22.08 -12.34 2.62
CA ASN D 12 -22.49 -13.29 1.60
C ASN D 12 -23.86 -13.86 1.87
N SER D 13 -24.51 -14.33 0.82
CA SER D 13 -25.85 -14.89 0.90
C SER D 13 -25.71 -16.37 1.24
N ALA D 14 -26.84 -17.07 1.31
CA ALA D 14 -26.85 -18.52 1.53
C ALA D 14 -26.07 -19.33 0.47
N GLU D 15 -25.82 -18.75 -0.70
CA GLU D 15 -25.13 -19.44 -1.79
C GLU D 15 -23.62 -19.52 -1.53
N GLY D 16 -23.09 -18.59 -0.75
CA GLY D 16 -21.65 -18.56 -0.47
C GLY D 16 -21.27 -18.50 1.00
N SER D 17 -22.22 -18.76 1.90
CA SER D 17 -21.96 -18.81 3.33
C SER D 17 -22.59 -20.05 3.97
N PHE D 18 -21.79 -20.76 4.76
CA PHE D 18 -22.22 -21.95 5.48
C PHE D 18 -23.23 -21.60 6.55
N GLY D 19 -22.96 -20.53 7.29
CA GLY D 19 -23.92 -20.05 8.32
C GLY D 19 -25.25 -19.62 7.73
N MET D 20 -25.20 -18.85 6.64
CA MET D 20 -26.42 -18.42 5.96
C MET D 20 -27.23 -19.58 5.37
N ALA D 21 -26.56 -20.61 4.85
CA ALA D 21 -27.25 -21.82 4.34
C ALA D 21 -28.07 -22.46 5.47
N VAL D 22 -27.43 -22.67 6.60
CA VAL D 22 -28.09 -23.30 7.75
C VAL D 22 -29.19 -22.40 8.33
N GLY D 23 -28.92 -21.09 8.40
CA GLY D 23 -29.88 -20.14 8.94
C GLY D 23 -31.10 -20.07 8.06
N GLU D 24 -30.92 -20.04 6.74
CA GLU D 24 -32.06 -20.08 5.81
C GLU D 24 -32.84 -21.40 5.96
N ALA D 25 -32.15 -22.52 6.15
CA ALA D 25 -32.85 -23.78 6.37
C ALA D 25 -33.65 -23.73 7.67
N PHE D 26 -33.06 -23.18 8.72
CA PHE D 26 -33.77 -23.07 9.99
C PHE D 26 -35.04 -22.27 9.77
N ILE D 27 -34.87 -21.08 9.22
CA ILE D 27 -35.93 -20.10 9.18
C ILE D 27 -37.07 -20.57 8.23
N GLU D 28 -36.75 -21.22 7.09
CA GLU D 28 -37.84 -21.79 6.22
C GLU D 28 -38.58 -22.89 6.95
N ALA D 29 -37.85 -23.78 7.64
CA ALA D 29 -38.48 -24.88 8.39
C ALA D 29 -39.35 -24.29 9.49
N TYR D 30 -38.87 -23.24 10.14
CA TYR D 30 -39.66 -22.57 11.17
C TYR D 30 -40.94 -21.94 10.60
N LYS D 31 -40.83 -21.24 9.47
CA LYS D 31 -42.05 -20.67 8.87
C LYS D 31 -43.10 -21.72 8.47
N ASN D 32 -42.66 -22.85 7.92
CA ASN D 32 -43.58 -23.95 7.59
C ASN D 32 -44.30 -24.46 8.82
N GLU D 33 -43.58 -24.55 9.92
CA GLU D 33 -44.11 -25.07 11.16
C GLU D 33 -45.06 -24.06 11.78
N HIS D 34 -44.81 -22.78 11.60
CA HIS D 34 -45.64 -21.72 12.20
C HIS D 34 -46.01 -20.67 11.18
N PRO D 35 -46.94 -21.00 10.28
CA PRO D 35 -47.29 -20.13 9.15
C PRO D 35 -47.80 -18.77 9.58
N GLN D 36 -48.37 -18.68 10.76
CA GLN D 36 -48.93 -17.42 11.24
C GLN D 36 -47.89 -16.50 11.88
N ASP D 37 -46.71 -17.03 12.20
CA ASP D 37 -45.66 -16.22 12.84
C ASP D 37 -45.06 -15.25 11.85
N GLU D 38 -44.69 -14.08 12.36
CA GLU D 38 -44.13 -13.05 11.56
C GLU D 38 -42.60 -13.13 11.69
N VAL D 39 -41.90 -13.14 10.55
CA VAL D 39 -40.44 -13.25 10.51
C VAL D 39 -39.89 -12.08 9.70
N VAL D 40 -39.11 -11.23 10.36
CA VAL D 40 -38.51 -10.07 9.73
C VAL D 40 -37.00 -10.33 9.68
N THR D 41 -36.41 -10.08 8.51
CA THR D 41 -34.97 -10.19 8.34
C THR D 41 -34.35 -8.84 8.62
N ILE D 42 -33.37 -8.81 9.51
CA ILE D 42 -32.52 -7.66 9.68
C ILE D 42 -31.09 -8.05 9.26
N ASP D 43 -30.72 -7.63 8.05
CA ASP D 43 -29.37 -7.83 7.54
C ASP D 43 -28.53 -6.64 8.08
N LEU D 44 -27.63 -6.94 9.02
CA LEU D 44 -26.79 -5.94 9.68
C LEU D 44 -25.77 -5.27 8.75
N PHE D 45 -25.47 -5.89 7.61
CA PHE D 45 -24.70 -5.25 6.53
C PHE D 45 -25.49 -4.30 5.64
N ASN D 46 -26.80 -4.19 5.89
CA ASN D 46 -27.73 -3.27 5.21
C ASN D 46 -28.31 -2.23 6.20
N THR D 47 -28.94 -2.70 7.23
CA THR D 47 -29.53 -1.80 8.25
C THR D 47 -28.56 -0.77 8.86
N THR D 48 -29.06 0.44 9.13
CA THR D 48 -28.20 1.44 9.71
C THR D 48 -28.11 1.11 11.22
N VAL D 49 -26.89 0.93 11.69
CA VAL D 49 -26.62 0.56 13.06
C VAL D 49 -25.54 1.51 13.59
N PRO D 50 -25.94 2.72 14.06
CA PRO D 50 -24.97 3.74 14.48
C PRO D 50 -24.08 3.23 15.58
N ALA D 51 -22.78 3.39 15.39
CA ALA D 51 -21.79 3.14 16.43
C ALA D 51 -21.97 4.20 17.47
N ILE D 52 -21.76 3.85 18.72
CA ILE D 52 -21.70 4.86 19.78
C ILE D 52 -20.44 5.68 19.55
N ASP D 53 -20.62 7.01 19.37
CA ASP D 53 -19.50 7.91 19.09
C ASP D 53 -19.69 9.24 19.85
N ALA D 54 -18.89 10.25 19.54
CA ALA D 54 -18.97 11.56 20.17
C ALA D 54 -20.35 12.22 19.99
N ASP D 55 -20.92 12.11 18.79
CA ASP D 55 -22.28 12.59 18.58
C ASP D 55 -23.26 11.89 19.51
N VAL D 56 -23.15 10.56 19.66
CA VAL D 56 -24.10 9.87 20.53
C VAL D 56 -23.92 10.33 21.98
N PHE D 57 -22.69 10.36 22.47
CA PHE D 57 -22.44 10.80 23.83
C PHE D 57 -22.93 12.23 24.06
N ALA D 58 -22.68 13.11 23.10
CA ALA D 58 -23.21 14.44 23.20
C ALA D 58 -24.76 14.39 23.30
N ALA D 59 -25.41 13.64 22.42
CA ALA D 59 -26.85 13.52 22.44
C ALA D 59 -27.35 13.05 23.82
N TRP D 60 -26.75 11.98 24.32
CA TRP D 60 -27.09 11.46 25.66
C TRP D 60 -26.89 12.49 26.77
N GLY D 61 -25.87 13.33 26.66
CA GLY D 61 -25.60 14.38 27.65
C GLY D 61 -26.71 15.39 27.70
N LYS D 62 -27.19 15.78 26.53
CA LYS D 62 -28.35 16.67 26.43
C LYS D 62 -29.62 16.04 27.01
N PHE D 63 -29.87 14.75 26.79
CA PHE D 63 -31.05 14.10 27.35
C PHE D 63 -30.95 14.02 28.85
N ALA D 64 -29.73 13.84 29.37
CA ALA D 64 -29.48 13.75 30.80
C ALA D 64 -29.60 15.12 31.46
N ALA D 65 -29.39 16.18 30.69
CA ALA D 65 -29.59 17.54 31.16
C ALA D 65 -31.06 17.95 31.07
N GLY D 66 -31.93 17.04 30.66
CA GLY D 66 -33.34 17.33 30.51
C GLY D 66 -33.73 17.98 29.19
N GLU D 67 -32.78 18.21 28.30
CA GLU D 67 -33.08 18.81 26.99
C GLU D 67 -33.79 17.80 26.08
N GLY D 68 -34.45 18.31 25.05
CA GLY D 68 -35.21 17.47 24.12
C GLY D 68 -34.51 17.25 22.81
N PHE D 69 -35.16 16.48 21.95
CA PHE D 69 -34.67 16.07 20.63
C PHE D 69 -34.19 17.24 19.76
N GLU D 70 -34.84 18.39 19.88
CA GLU D 70 -34.52 19.53 19.02
C GLU D 70 -33.26 20.31 19.54
N ALA D 71 -32.70 19.88 20.67
CA ALA D 71 -31.38 20.35 21.10
C ALA D 71 -30.22 19.68 20.33
N LEU D 72 -30.48 18.54 19.70
CA LEU D 72 -29.45 17.82 18.95
C LEU D 72 -29.21 18.46 17.59
N THR D 73 -28.00 18.30 17.09
CA THR D 73 -27.70 18.60 15.69
C THR D 73 -28.42 17.59 14.78
N GLU D 74 -28.49 17.88 13.48
CA GLU D 74 -29.19 16.99 12.55
C GLU D 74 -28.54 15.58 12.56
N VAL D 75 -27.21 15.50 12.53
CA VAL D 75 -26.53 14.22 12.52
C VAL D 75 -26.83 13.44 13.80
N GLN D 76 -26.88 14.13 14.92
CA GLN D 76 -27.17 13.51 16.19
C GLN D 76 -28.58 12.95 16.20
N GLN D 77 -29.53 13.73 15.72
CA GLN D 77 -30.89 13.29 15.57
C GLN D 77 -31.01 12.01 14.73
N GLN D 78 -30.27 11.97 13.62
CA GLN D 78 -30.31 10.80 12.73
C GLN D 78 -29.80 9.55 13.42
N LYS D 79 -28.66 9.70 14.12
CA LYS D 79 -28.05 8.59 14.83
C LYS D 79 -28.92 8.08 15.96
N VAL D 80 -29.43 8.97 16.79
CA VAL D 80 -30.30 8.54 17.86
C VAL D 80 -31.62 7.94 17.32
N ALA D 81 -32.16 8.50 16.25
CA ALA D 81 -33.40 7.95 15.71
C ALA D 81 -33.19 6.52 15.20
N ALA D 82 -32.08 6.30 14.49
CA ALA D 82 -31.76 4.94 14.01
C ALA D 82 -31.49 3.95 15.16
N MET D 83 -30.87 4.45 16.23
CA MET D 83 -30.63 3.64 17.44
C MET D 83 -31.93 3.27 18.15
N ASN D 84 -32.85 4.22 18.23
CA ASN D 84 -34.15 3.96 18.83
C ASN D 84 -34.97 2.96 18.03
N THR D 85 -34.92 3.06 16.71
CA THR D 85 -35.61 2.12 15.83
C THR D 85 -35.14 0.68 16.04
N ASN D 86 -33.82 0.48 16.01
CA ASN D 86 -33.28 -0.86 16.26
C ASN D 86 -33.68 -1.37 17.60
N LEU D 87 -33.65 -0.50 18.63
CA LEU D 87 -33.94 -0.92 19.99
C LEU D 87 -35.41 -1.32 20.09
N GLU D 88 -36.28 -0.51 19.53
CA GLU D 88 -37.71 -0.76 19.60
C GLU D 88 -38.05 -2.06 18.85
N THR D 89 -37.52 -2.22 17.64
CA THR D 89 -37.71 -3.47 16.88
C THR D 89 -37.30 -4.68 17.69
N PHE D 90 -36.19 -4.55 18.41
CA PHE D 90 -35.66 -5.66 19.22
C PHE D 90 -36.52 -5.96 20.45
N MET D 91 -36.85 -4.92 21.23
CA MET D 91 -37.68 -5.07 22.43
C MET D 91 -39.06 -5.67 22.13
N ASN D 92 -39.62 -5.37 20.97
CA ASN D 92 -40.98 -5.85 20.65
C ASN D 92 -41.07 -7.26 20.05
N ALA D 93 -39.96 -7.79 19.55
CA ALA D 93 -39.96 -9.15 19.02
C ALA D 93 -39.92 -10.18 20.15
N ASP D 94 -40.39 -11.38 19.87
CA ASP D 94 -40.39 -12.45 20.86
C ASP D 94 -39.17 -13.40 20.72
N ARG D 95 -38.60 -13.48 19.53
CA ARG D 95 -37.61 -14.50 19.22
C ARG D 95 -36.54 -13.88 18.38
N TYR D 96 -35.27 -14.22 18.67
CA TYR D 96 -34.12 -13.71 17.92
C TYR D 96 -33.31 -14.85 17.37
N VAL D 97 -32.99 -14.80 16.09
CA VAL D 97 -32.09 -15.78 15.48
C VAL D 97 -30.93 -14.97 14.94
N PHE D 98 -29.71 -15.27 15.42
CA PHE D 98 -28.49 -14.56 14.96
C PHE D 98 -27.68 -15.48 14.09
N VAL D 99 -27.23 -15.01 12.93
CA VAL D 99 -26.33 -15.76 12.06
C VAL D 99 -25.02 -15.00 11.89
N THR D 100 -23.93 -15.61 12.30
CA THR D 100 -22.61 -15.00 12.23
C THR D 100 -21.53 -15.98 11.84
N PRO D 101 -20.51 -15.50 11.14
CA PRO D 101 -19.32 -16.25 10.87
C PRO D 101 -18.32 -15.93 11.95
N MET D 102 -17.37 -16.82 12.19
CA MET D 102 -16.25 -16.49 13.03
C MET D 102 -15.12 -15.88 12.21
N TRP D 103 -14.82 -14.61 12.50
CA TRP D 103 -13.67 -13.93 11.95
C TRP D 103 -12.74 -13.56 13.12
N ASN D 104 -11.55 -14.12 13.09
CA ASN D 104 -10.51 -13.86 14.08
C ASN D 104 -11.04 -14.02 15.49
N PHE D 105 -11.63 -15.18 15.72
CA PHE D 105 -12.12 -15.62 17.04
C PHE D 105 -13.29 -14.87 17.61
N SER D 106 -13.97 -14.12 16.77
CA SER D 106 -15.18 -13.44 17.18
C SER D 106 -16.09 -13.14 15.99
N TYR D 107 -17.07 -12.26 16.16
CA TYR D 107 -18.07 -11.93 15.13
C TYR D 107 -17.69 -10.65 14.36
N PRO D 108 -18.41 -10.34 13.26
CA PRO D 108 -18.17 -9.07 12.60
C PRO D 108 -18.46 -7.88 13.50
N PRO D 109 -17.70 -6.80 13.37
CA PRO D 109 -17.88 -5.63 14.21
C PRO D 109 -19.33 -5.19 14.38
N VAL D 110 -20.12 -5.23 13.31
CA VAL D 110 -21.49 -4.74 13.34
C VAL D 110 -22.38 -5.52 14.35
N VAL D 111 -21.99 -6.73 14.73
CA VAL D 111 -22.76 -7.42 15.75
C VAL D 111 -22.61 -6.67 17.08
N LYS D 112 -21.39 -6.20 17.33
CA LYS D 112 -21.15 -5.45 18.55
C LYS D 112 -21.88 -4.13 18.49
N ALA D 113 -21.87 -3.49 17.33
CA ALA D 113 -22.59 -2.23 17.18
C ALA D 113 -24.07 -2.45 17.45
N TYR D 114 -24.59 -3.58 16.98
CA TYR D 114 -26.00 -3.92 17.21
C TYR D 114 -26.30 -4.13 18.71
N LEU D 115 -25.44 -4.87 19.41
CA LEU D 115 -25.64 -5.10 20.81
C LEU D 115 -25.56 -3.79 21.58
N ASP D 116 -24.69 -2.88 21.13
CA ASP D 116 -24.60 -1.58 21.78
C ASP D 116 -25.86 -0.75 21.51
N ASN D 117 -26.57 -1.02 20.41
CA ASN D 117 -27.88 -0.39 20.19
C ASN D 117 -29.00 -0.99 21.08
N VAL D 118 -28.92 -2.29 21.40
CA VAL D 118 -30.07 -2.96 22.05
C VAL D 118 -29.94 -3.12 23.56
N ALA D 119 -28.76 -2.88 24.10
CA ALA D 119 -28.51 -2.93 25.54
C ALA D 119 -28.50 -1.52 26.06
N ILE D 120 -29.64 -1.07 26.60
CA ILE D 120 -29.86 0.33 26.96
C ILE D 120 -30.52 0.41 28.34
N ALA D 121 -29.95 1.22 29.21
CA ALA D 121 -30.46 1.44 30.57
C ALA D 121 -31.86 1.99 30.61
N GLY D 122 -32.70 1.40 31.45
CA GLY D 122 -34.10 1.79 31.56
C GLY D 122 -34.97 1.24 30.46
N LYS D 123 -34.39 0.49 29.50
CA LYS D 123 -35.18 -0.11 28.42
C LYS D 123 -35.03 -1.61 28.37
N THR D 124 -33.79 -2.09 28.30
CA THR D 124 -33.53 -3.53 28.29
C THR D 124 -32.77 -4.06 29.50
N PHE D 125 -32.30 -3.18 30.38
CA PHE D 125 -31.79 -3.56 31.69
C PHE D 125 -31.95 -2.37 32.63
N LYS D 126 -31.86 -2.61 33.93
CA LYS D 126 -31.97 -1.53 34.91
C LYS D 126 -30.90 -1.74 35.98
N TYR D 127 -30.55 -0.65 36.67
CA TYR D 127 -29.57 -0.69 37.74
C TYR D 127 -30.27 -1.05 39.01
N THR D 128 -29.64 -1.90 39.82
CA THR D 128 -30.15 -2.23 41.16
C THR D 128 -28.98 -2.20 42.15
N GLU D 129 -29.29 -2.21 43.46
CA GLU D 129 -28.27 -2.33 44.53
C GLU D 129 -27.15 -3.32 44.15
N ASN D 130 -27.55 -4.59 43.95
CA ASN D 130 -26.64 -5.71 43.62
C ASN D 130 -25.90 -5.57 42.32
N GLY D 131 -26.56 -4.91 41.38
CA GLY D 131 -26.01 -4.69 40.07
C GLY D 131 -27.09 -4.80 39.02
N PRO D 132 -26.71 -4.59 37.74
CA PRO D 132 -27.70 -4.55 36.66
C PRO D 132 -28.42 -5.87 36.39
N VAL D 133 -29.70 -5.80 36.00
CA VAL D 133 -30.46 -6.98 35.59
C VAL D 133 -31.32 -6.67 34.37
N GLY D 134 -31.67 -7.70 33.63
CA GLY D 134 -32.38 -7.54 32.37
C GLY D 134 -33.83 -7.18 32.59
N LEU D 135 -34.42 -6.48 31.62
CA LEU D 135 -35.84 -6.11 31.67
C LEU D 135 -36.69 -6.93 30.71
N LEU D 136 -36.06 -7.63 29.79
CA LEU D 136 -36.77 -8.42 28.79
C LEU D 136 -37.20 -9.78 29.35
N GLU D 137 -38.47 -10.08 29.15
CA GLU D 137 -39.09 -11.32 29.56
C GLU D 137 -39.76 -11.96 28.34
N GLY D 138 -40.03 -13.25 28.41
CA GLY D 138 -40.71 -13.95 27.31
C GLY D 138 -39.93 -14.12 26.01
N LYS D 139 -38.61 -14.03 26.06
CA LYS D 139 -37.79 -14.06 24.85
C LYS D 139 -37.00 -15.33 24.74
N LYS D 140 -36.62 -15.64 23.51
CA LYS D 140 -35.80 -16.81 23.24
C LYS D 140 -34.87 -16.46 22.09
N ALA D 141 -33.64 -16.99 22.12
CA ALA D 141 -32.70 -16.72 21.05
C ALA D 141 -32.04 -17.99 20.53
N LEU D 142 -31.62 -17.94 19.27
CA LEU D 142 -30.77 -18.94 18.68
C LEU D 142 -29.60 -18.24 18.01
N HIS D 143 -28.42 -18.76 18.24
CA HIS D 143 -27.24 -18.36 17.53
C HIS D 143 -26.76 -19.51 16.63
N ILE D 144 -26.70 -19.26 15.33
CA ILE D 144 -26.03 -20.16 14.42
C ILE D 144 -24.69 -19.50 14.03
N GLN D 145 -23.58 -20.19 14.30
CA GLN D 145 -22.25 -19.66 13.99
C GLN D 145 -21.50 -20.63 13.13
N ALA D 146 -20.92 -20.14 12.03
CA ALA D 146 -20.04 -20.92 11.20
C ALA D 146 -18.58 -20.59 11.48
N THR D 147 -17.76 -21.63 11.60
CA THR D 147 -16.36 -21.50 11.96
C THR D 147 -15.50 -22.48 11.17
N GLY D 148 -14.32 -22.03 10.76
CA GLY D 148 -13.38 -22.88 10.05
C GLY D 148 -12.95 -24.04 10.93
N GLY D 149 -12.56 -23.73 12.16
CA GLY D 149 -12.09 -24.73 13.11
C GLY D 149 -13.24 -25.27 13.92
N VAL D 150 -12.90 -25.97 15.00
CA VAL D 150 -13.86 -26.59 15.89
C VAL D 150 -13.72 -26.02 17.30
N TYR D 151 -14.76 -25.33 17.76
CA TYR D 151 -14.74 -24.61 19.03
C TYR D 151 -15.92 -24.93 19.92
N SER D 152 -16.84 -25.77 19.48
CA SER D 152 -18.13 -25.91 20.19
C SER D 152 -18.03 -26.59 21.55
N GLU D 153 -17.01 -27.41 21.74
CA GLU D 153 -16.82 -28.13 23.00
C GLU D 153 -15.32 -28.29 23.23
N GLY D 154 -14.90 -28.54 24.45
CA GLY D 154 -13.48 -28.79 24.71
C GLY D 154 -12.70 -27.51 24.86
N ALA D 155 -11.38 -27.62 24.77
CA ALA D 155 -10.49 -26.53 25.21
C ALA D 155 -10.65 -25.24 24.40
N TYR D 156 -10.91 -25.39 23.11
CA TYR D 156 -11.04 -24.25 22.21
C TYR D 156 -12.34 -23.46 22.39
N ALA D 157 -13.29 -24.01 23.14
CA ALA D 157 -14.48 -23.23 23.56
C ALA D 157 -14.13 -21.91 24.23
N ALA D 158 -13.01 -21.88 24.96
CA ALA D 158 -12.53 -20.70 25.66
C ALA D 158 -12.17 -19.54 24.75
N VAL D 159 -11.87 -19.82 23.48
CA VAL D 159 -11.60 -18.75 22.51
C VAL D 159 -12.77 -18.51 21.50
N ASP D 160 -13.93 -19.09 21.76
CA ASP D 160 -15.11 -18.83 20.96
C ASP D 160 -15.80 -17.52 21.45
N PHE D 161 -15.13 -16.39 21.25
CA PHE D 161 -15.54 -15.14 21.89
C PHE D 161 -16.83 -14.54 21.37
N GLY D 162 -17.11 -14.76 20.08
CA GLY D 162 -18.34 -14.28 19.48
C GLY D 162 -19.54 -14.98 20.07
N ARG D 163 -19.49 -16.32 20.09
CA ARG D 163 -20.53 -17.07 20.74
C ARG D 163 -20.72 -16.63 22.19
N ASN D 164 -19.63 -16.58 22.96
CA ASN D 164 -19.73 -16.43 24.39
C ASN D 164 -20.14 -15.00 24.78
N HIS D 165 -19.62 -14.02 24.07
CA HIS D 165 -19.98 -12.65 24.36
C HIS D 165 -21.48 -12.41 24.02
N LEU D 166 -21.90 -12.91 22.87
CA LEU D 166 -23.28 -12.76 22.42
C LEU D 166 -24.26 -13.33 23.42
N LYS D 167 -23.98 -14.54 23.90
CA LYS D 167 -24.81 -15.20 24.90
C LYS D 167 -24.82 -14.39 26.19
N THR D 168 -23.66 -13.85 26.55
CA THR D 168 -23.57 -13.05 27.76
C THR D 168 -24.44 -11.82 27.71
N VAL D 169 -24.39 -11.11 26.59
CA VAL D 169 -25.17 -9.88 26.47
C VAL D 169 -26.66 -10.20 26.45
N LEU D 170 -27.04 -11.20 25.66
CA LEU D 170 -28.43 -11.64 25.62
C LEU D 170 -28.91 -11.98 27.04
N GLY D 171 -28.09 -12.69 27.81
CA GLY D 171 -28.46 -13.00 29.20
C GLY D 171 -28.58 -11.78 30.07
N PHE D 172 -27.69 -10.83 29.85
CA PHE D 172 -27.67 -9.63 30.64
C PHE D 172 -28.97 -8.81 30.45
N VAL D 173 -29.50 -8.79 29.22
CA VAL D 173 -30.75 -8.04 28.92
C VAL D 173 -31.99 -8.86 29.24
N GLY D 174 -31.79 -10.08 29.73
CA GLY D 174 -32.89 -10.91 30.21
C GLY D 174 -33.28 -12.10 29.34
N VAL D 175 -32.63 -12.25 28.18
CA VAL D 175 -32.86 -13.43 27.34
C VAL D 175 -31.92 -14.57 27.78
N ASN D 176 -32.32 -15.36 28.76
CA ASN D 176 -31.48 -16.48 29.25
C ASN D 176 -31.75 -17.82 28.55
N ASP D 177 -32.88 -17.90 27.82
CA ASP D 177 -33.20 -19.06 27.01
C ASP D 177 -32.58 -18.93 25.63
N THR D 178 -31.42 -19.57 25.44
CA THR D 178 -30.73 -19.51 24.15
C THR D 178 -30.43 -20.89 23.62
N GLU D 179 -30.30 -20.97 22.30
CA GLU D 179 -29.85 -22.17 21.66
C GLU D 179 -28.67 -21.83 20.83
N TYR D 180 -27.86 -22.85 20.54
CA TYR D 180 -26.67 -22.68 19.75
C TYR D 180 -26.53 -23.80 18.74
N ILE D 181 -26.24 -23.44 17.48
CA ILE D 181 -25.86 -24.40 16.46
C ILE D 181 -24.57 -23.94 15.84
N ALA D 182 -23.59 -24.83 15.86
CA ALA D 182 -22.32 -24.62 15.19
C ALA D 182 -22.30 -25.31 13.85
N VAL D 183 -21.77 -24.63 12.83
CA VAL D 183 -21.45 -25.22 11.55
C VAL D 183 -19.94 -25.13 11.45
N GLU D 184 -19.26 -26.20 11.83
CA GLU D 184 -17.84 -26.12 12.20
C GLU D 184 -16.94 -27.18 11.58
N GLY D 185 -15.69 -26.80 11.39
CA GLY D 185 -14.67 -27.73 10.98
C GLY D 185 -14.47 -27.84 9.49
N MET D 186 -15.12 -26.95 8.73
CA MET D 186 -15.05 -26.99 7.25
C MET D 186 -13.67 -26.71 6.71
N ASN D 187 -12.95 -25.80 7.36
CA ASN D 187 -11.61 -25.46 6.92
C ASN D 187 -10.60 -26.47 7.45
N ALA D 188 -10.82 -27.01 8.64
CA ALA D 188 -9.99 -28.11 9.12
C ALA D 188 -10.14 -29.36 8.30
N ASN D 189 -11.27 -29.52 7.61
CA ASN D 189 -11.58 -30.75 6.91
C ASN D 189 -12.43 -30.46 5.67
N PRO D 190 -11.80 -29.86 4.64
CA PRO D 190 -12.53 -29.37 3.46
C PRO D 190 -13.29 -30.42 2.66
N GLU D 191 -12.89 -31.68 2.79
CA GLU D 191 -13.52 -32.78 2.08
C GLU D 191 -14.82 -33.21 2.77
N LYS D 192 -14.93 -32.90 4.07
CA LYS D 192 -16.13 -33.17 4.85
C LYS D 192 -17.08 -31.97 4.90
N ALA D 193 -16.74 -30.88 4.24
CA ALA D 193 -17.50 -29.65 4.36
C ALA D 193 -18.97 -29.78 3.97
N GLN D 194 -19.27 -30.57 2.96
CA GLN D 194 -20.65 -30.72 2.54
C GLN D 194 -21.44 -31.58 3.54
N GLU D 195 -20.80 -32.62 4.08
CA GLU D 195 -21.45 -33.45 5.12
C GLU D 195 -21.63 -32.65 6.41
N ILE D 196 -20.71 -31.75 6.73
CA ILE D 196 -20.82 -30.93 7.92
C ILE D 196 -22.02 -29.99 7.75
N LYS D 197 -22.13 -29.41 6.56
CA LYS D 197 -23.23 -28.48 6.27
C LYS D 197 -24.57 -29.21 6.33
N GLU D 198 -24.68 -30.38 5.71
CA GLU D 198 -25.95 -31.12 5.70
C GLU D 198 -26.35 -31.58 7.10
N ALA D 199 -25.39 -31.96 7.92
CA ALA D 199 -25.70 -32.39 9.28
C ALA D 199 -26.20 -31.19 10.12
N ALA D 200 -25.64 -30.01 9.87
CA ALA D 200 -26.07 -28.80 10.54
C ALA D 200 -27.43 -28.35 10.01
N ILE D 201 -27.66 -28.49 8.71
CA ILE D 201 -28.97 -28.25 8.14
C ILE D 201 -30.02 -29.16 8.82
N ALA D 202 -29.74 -30.45 8.94
CA ALA D 202 -30.67 -31.38 9.61
C ALA D 202 -30.90 -31.03 11.08
N ASN D 203 -29.86 -30.61 11.78
CA ASN D 203 -29.98 -30.18 13.19
C ASN D 203 -30.86 -28.92 13.30
N ALA D 204 -30.64 -27.96 12.39
CA ALA D 204 -31.48 -26.78 12.34
C ALA D 204 -32.96 -27.09 12.04
N ARG D 205 -33.22 -27.99 11.10
CA ARG D 205 -34.62 -28.37 10.77
C ARG D 205 -35.34 -28.99 11.98
N GLU D 206 -34.64 -29.82 12.75
CA GLU D 206 -35.24 -30.44 13.92
C GLU D 206 -35.50 -29.38 14.98
N LEU D 207 -34.52 -28.51 15.21
CA LEU D 207 -34.70 -27.45 16.21
C LEU D 207 -35.87 -26.52 15.85
N ALA D 208 -36.09 -26.31 14.55
CA ALA D 208 -37.19 -25.45 14.11
C ALA D 208 -38.56 -25.98 14.57
N LYS D 209 -38.68 -27.29 14.71
CA LYS D 209 -39.89 -27.89 15.21
C LYS D 209 -40.10 -27.71 16.70
N ARG D 210 -39.07 -27.30 17.46
CA ARG D 210 -39.26 -27.05 18.87
C ARG D 210 -38.92 -25.65 19.33
N PHE D 211 -38.55 -24.77 18.43
CA PHE D 211 -38.11 -23.44 18.84
C PHE D 211 -39.22 -22.42 19.13
#